data_1C3Q
#
_entry.id   1C3Q
#
_cell.length_a   53.920
_cell.length_b   101.180
_cell.length_c   73.330
_cell.angle_alpha   90.00
_cell.angle_beta   95.26
_cell.angle_gamma   90.00
#
_symmetry.space_group_name_H-M   'P 1 21 1'
#
loop_
_entity.id
_entity.type
_entity.pdbx_description
1 polymer 'Hydroxyethylthiazole kinase'
2 non-polymer 'CHLORIDE ION'
3 non-polymer 2-(4-METHYL-THIAZOL-5-YL)-ETHANOL
4 water water
#
_entity_poly.entity_id   1
_entity_poly.type   'polypeptide(L)'
_entity_poly.pdbx_seq_one_letter_code
;MRGSHHHHHHGSMDAQSAAKCLTAVRRHSPLVHSITNNVVTNFTANGLLALGASPVMAYAKEEVADMAKIAGALVLNIGT
LSKESVEAMIIAGKSANEHGVPVILDPVGAGATPFRTESARDIIREVRLAAIRGNAAEIAHTVGVTDWLIKGVDAGEGGG
DIIRLAQQAAQKLNTVIAITGEVDVIADTSHVYTLHNGHKLLTKVTGAGCLLTSVVGAFCAVEENPLFAAIAAISSYGVA
AQLAAQQTADKGPGSFQIELLNKLSTVTEQDVQEWATIERVTVS
;
_entity_poly.pdbx_strand_id   A,B,C
#
loop_
_chem_comp.id
_chem_comp.type
_chem_comp.name
_chem_comp.formula
CL non-polymer 'CHLORIDE ION' 'Cl -1'
TZE non-polymer 2-(4-METHYL-THIAZOL-5-YL)-ETHANOL 'C6 H9 N O S'
#
# COMPACT_ATOMS: atom_id res chain seq x y z
N MET A 1 17.88 -6.37 -23.46
CA MET A 1 18.78 -6.19 -22.29
C MET A 1 19.08 -7.51 -21.59
N ARG A 2 18.52 -8.61 -22.10
CA ARG A 2 18.72 -9.92 -21.50
C ARG A 2 19.96 -10.64 -22.03
N GLY A 3 21.08 -10.48 -21.33
CA GLY A 3 22.31 -11.14 -21.73
C GLY A 3 22.66 -12.29 -20.80
N SER A 4 23.86 -12.82 -20.95
CA SER A 4 24.31 -13.93 -20.11
C SER A 4 25.53 -13.48 -19.31
N HIS A 5 25.43 -13.57 -17.99
CA HIS A 5 26.51 -13.15 -17.10
C HIS A 5 27.24 -14.30 -16.44
N HIS A 6 27.07 -15.49 -16.99
CA HIS A 6 27.72 -16.69 -16.46
C HIS A 6 27.30 -17.91 -17.27
N HIS A 7 28.15 -18.95 -17.25
CA HIS A 7 27.88 -20.19 -17.96
C HIS A 7 28.43 -21.37 -17.17
N HIS A 8 27.60 -22.40 -17.00
CA HIS A 8 28.00 -23.60 -16.26
C HIS A 8 29.36 -24.16 -16.73
N HIS A 9 29.79 -23.75 -17.91
CA HIS A 9 31.07 -24.22 -18.43
C HIS A 9 32.20 -23.65 -17.58
N HIS A 10 31.99 -22.44 -17.07
CA HIS A 10 32.96 -21.76 -16.24
C HIS A 10 32.81 -22.21 -14.79
N GLY A 11 32.05 -23.28 -14.59
CA GLY A 11 31.82 -23.80 -13.25
C GLY A 11 30.42 -23.49 -12.79
N SER A 12 30.20 -23.56 -11.48
CA SER A 12 28.87 -23.28 -10.95
C SER A 12 28.67 -21.80 -10.66
N MET A 13 27.40 -21.41 -10.52
CA MET A 13 27.05 -20.02 -10.24
C MET A 13 27.75 -19.62 -8.93
N ASP A 14 28.32 -18.43 -8.90
CA ASP A 14 29.01 -17.97 -7.70
C ASP A 14 28.74 -16.50 -7.39
N ALA A 15 29.20 -16.05 -6.23
CA ALA A 15 29.02 -14.67 -5.78
C ALA A 15 29.51 -13.63 -6.79
N GLN A 16 30.65 -13.91 -7.40
CA GLN A 16 31.22 -13.01 -8.40
C GLN A 16 30.21 -12.71 -9.51
N SER A 17 29.61 -13.76 -10.06
CA SER A 17 28.63 -13.63 -11.13
C SER A 17 27.35 -13.00 -10.64
N ALA A 18 26.99 -13.28 -9.39
CA ALA A 18 25.79 -12.71 -8.81
C ALA A 18 25.99 -11.18 -8.82
N ALA A 19 27.18 -10.75 -8.39
CA ALA A 19 27.51 -9.33 -8.34
C ALA A 19 27.37 -8.68 -9.72
N LYS A 20 27.85 -9.37 -10.76
CA LYS A 20 27.77 -8.84 -12.11
C LYS A 20 26.33 -8.64 -12.57
N CYS A 21 25.45 -9.57 -12.21
CA CYS A 21 24.04 -9.46 -12.59
C CYS A 21 23.39 -8.25 -11.95
N LEU A 22 23.75 -7.99 -10.69
CA LEU A 22 23.22 -6.86 -9.94
C LEU A 22 23.55 -5.60 -10.72
N THR A 23 24.81 -5.47 -11.11
CA THR A 23 25.25 -4.31 -11.88
C THR A 23 24.46 -4.22 -13.19
N ALA A 24 24.18 -5.37 -13.80
CA ALA A 24 23.42 -5.40 -15.05
C ALA A 24 22.02 -4.83 -14.84
N VAL A 25 21.38 -5.21 -13.73
CA VAL A 25 20.05 -4.72 -13.44
C VAL A 25 20.05 -3.20 -13.34
N ARG A 26 21.05 -2.65 -12.65
CA ARG A 26 21.12 -1.20 -12.48
C ARG A 26 21.45 -0.48 -13.78
N ARG A 27 22.24 -1.12 -14.63
CA ARG A 27 22.61 -0.51 -15.90
C ARG A 27 21.40 -0.38 -16.85
N HIS A 28 20.58 -1.43 -16.90
CA HIS A 28 19.44 -1.43 -17.80
C HIS A 28 18.10 -0.99 -17.25
N SER A 29 17.97 -0.93 -15.93
CA SER A 29 16.71 -0.54 -15.30
C SER A 29 15.54 -1.23 -16.01
N PRO A 30 15.56 -2.58 -16.04
CA PRO A 30 14.51 -3.37 -16.69
C PRO A 30 13.09 -3.06 -16.25
N LEU A 31 12.17 -2.98 -17.22
CA LEU A 31 10.77 -2.72 -16.91
C LEU A 31 10.15 -4.02 -16.43
N VAL A 32 9.75 -4.05 -15.16
CA VAL A 32 9.15 -5.24 -14.58
C VAL A 32 7.64 -5.05 -14.41
N HIS A 33 6.88 -5.79 -15.22
CA HIS A 33 5.43 -5.72 -15.22
C HIS A 33 4.90 -6.71 -14.18
N SER A 34 4.26 -6.18 -13.16
CA SER A 34 3.73 -7.04 -12.13
C SER A 34 2.21 -7.00 -12.02
N ILE A 35 1.61 -8.19 -11.93
CA ILE A 35 0.17 -8.34 -11.73
C ILE A 35 0.21 -9.01 -10.36
N THR A 36 0.12 -8.21 -9.30
CA THR A 36 0.26 -8.74 -7.95
C THR A 36 -0.88 -8.37 -6.99
N ASN A 37 -0.75 -8.83 -5.75
CA ASN A 37 -1.77 -8.59 -4.73
C ASN A 37 -1.74 -7.16 -4.19
N ASN A 38 -2.90 -6.67 -3.73
CA ASN A 38 -3.00 -5.29 -3.26
C ASN A 38 -2.49 -4.99 -1.85
N VAL A 39 -1.82 -5.95 -1.25
CA VAL A 39 -1.27 -5.76 0.09
C VAL A 39 0.21 -5.37 -0.05
N VAL A 40 0.80 -5.72 -1.20
CA VAL A 40 2.22 -5.49 -1.42
C VAL A 40 2.64 -4.61 -2.61
N THR A 41 1.67 -4.03 -3.32
CA THR A 41 1.96 -3.19 -4.48
C THR A 41 2.96 -2.05 -4.24
N ASN A 42 2.73 -1.25 -3.19
CA ASN A 42 3.63 -0.13 -2.92
C ASN A 42 5.03 -0.60 -2.50
N PHE A 43 5.10 -1.62 -1.66
CA PHE A 43 6.41 -2.14 -1.23
C PHE A 43 7.15 -2.73 -2.44
N THR A 44 6.44 -3.46 -3.28
CA THR A 44 7.03 -4.05 -4.47
C THR A 44 7.62 -2.97 -5.38
N ALA A 45 6.83 -1.94 -5.70
CA ALA A 45 7.30 -0.87 -6.57
C ALA A 45 8.49 -0.13 -5.98
N ASN A 46 8.41 0.20 -4.69
CA ASN A 46 9.50 0.91 -4.01
C ASN A 46 10.77 0.07 -3.94
N GLY A 47 10.59 -1.23 -3.71
CA GLY A 47 11.74 -2.12 -3.64
C GLY A 47 12.44 -2.21 -4.99
N LEU A 48 11.65 -2.33 -6.06
CA LEU A 48 12.23 -2.39 -7.40
C LEU A 48 12.93 -1.08 -7.77
N LEU A 49 12.33 0.06 -7.44
CA LEU A 49 12.96 1.35 -7.74
C LEU A 49 14.30 1.48 -7.01
N ALA A 50 14.30 1.13 -5.72
CA ALA A 50 15.53 1.22 -4.93
C ALA A 50 16.62 0.35 -5.54
N LEU A 51 16.25 -0.87 -5.94
CA LEU A 51 17.19 -1.81 -6.55
C LEU A 51 17.76 -1.21 -7.84
N GLY A 52 16.93 -0.50 -8.59
CA GLY A 52 17.39 0.10 -9.83
C GLY A 52 16.55 -0.31 -11.04
N ALA A 53 15.47 -1.06 -10.80
CA ALA A 53 14.61 -1.51 -11.88
C ALA A 53 13.46 -0.52 -12.09
N SER A 54 12.61 -0.76 -13.09
CA SER A 54 11.49 0.14 -13.38
C SER A 54 10.20 -0.64 -13.25
N PRO A 55 9.47 -0.40 -12.16
CA PRO A 55 8.22 -1.14 -12.02
C PRO A 55 7.01 -0.54 -12.71
N VAL A 56 6.13 -1.42 -13.17
CA VAL A 56 4.88 -1.01 -13.77
C VAL A 56 3.84 -2.04 -13.35
N MET A 57 2.68 -1.56 -12.93
CA MET A 57 1.59 -2.44 -12.55
C MET A 57 0.43 -2.18 -13.49
N ALA A 58 -0.06 -3.24 -14.14
CA ALA A 58 -1.18 -3.17 -15.08
C ALA A 58 -1.98 -4.46 -14.89
N TYR A 59 -3.29 -4.35 -14.72
CA TYR A 59 -4.09 -5.55 -14.45
C TYR A 59 -5.29 -5.79 -15.37
N ALA A 60 -5.75 -4.74 -16.05
CA ALA A 60 -6.92 -4.86 -16.92
C ALA A 60 -6.69 -5.70 -18.18
N LYS A 61 -7.65 -6.58 -18.49
CA LYS A 61 -7.54 -7.43 -19.66
C LYS A 61 -7.43 -6.60 -20.94
N GLU A 62 -7.82 -5.33 -20.85
CA GLU A 62 -7.74 -4.44 -22.01
C GLU A 62 -6.32 -3.99 -22.30
N GLU A 63 -5.37 -4.24 -21.40
CA GLU A 63 -4.00 -3.78 -21.67
C GLU A 63 -2.86 -4.73 -21.25
N VAL A 64 -3.14 -5.72 -20.42
CA VAL A 64 -2.07 -6.60 -19.97
C VAL A 64 -1.23 -7.25 -21.07
N ALA A 65 -1.84 -7.54 -22.22
CA ALA A 65 -1.09 -8.14 -23.32
C ALA A 65 -0.13 -7.11 -23.92
N ASP A 66 -0.61 -5.89 -24.11
CA ASP A 66 0.21 -4.80 -24.65
C ASP A 66 1.33 -4.40 -23.70
N MET A 67 1.08 -4.44 -22.39
CA MET A 67 2.11 -4.06 -21.44
C MET A 67 3.17 -5.15 -21.30
N ALA A 68 2.74 -6.41 -21.29
CA ALA A 68 3.67 -7.52 -21.16
C ALA A 68 4.67 -7.58 -22.31
N LYS A 69 4.19 -7.38 -23.54
CA LYS A 69 5.06 -7.49 -24.69
C LYS A 69 6.18 -6.46 -24.75
N ILE A 70 6.06 -5.35 -24.02
CA ILE A 70 7.12 -4.34 -24.02
C ILE A 70 7.95 -4.40 -22.73
N ALA A 71 7.63 -5.33 -21.85
CA ALA A 71 8.35 -5.44 -20.57
C ALA A 71 9.61 -6.29 -20.63
N GLY A 72 10.45 -6.15 -19.60
CA GLY A 72 11.67 -6.93 -19.49
C GLY A 72 11.37 -8.25 -18.80
N ALA A 73 10.31 -8.25 -18.01
CA ALA A 73 9.88 -9.45 -17.28
C ALA A 73 8.44 -9.28 -16.80
N LEU A 74 7.74 -10.39 -16.67
CA LEU A 74 6.35 -10.40 -16.19
C LEU A 74 6.31 -11.20 -14.90
N VAL A 75 5.71 -10.61 -13.87
CA VAL A 75 5.59 -11.28 -12.57
C VAL A 75 4.12 -11.46 -12.20
N LEU A 76 3.73 -12.70 -11.91
CA LEU A 76 2.36 -13.04 -11.55
C LEU A 76 2.31 -13.45 -10.08
N ASN A 77 1.45 -12.78 -9.30
CA ASN A 77 1.33 -13.06 -7.86
C ASN A 77 -0.15 -13.17 -7.47
N ILE A 78 -0.54 -14.33 -6.93
CA ILE A 78 -1.95 -14.56 -6.57
C ILE A 78 -2.36 -14.25 -5.12
N GLY A 79 -1.60 -13.40 -4.44
CA GLY A 79 -1.90 -13.06 -3.05
C GLY A 79 -3.33 -12.67 -2.73
N THR A 80 -3.97 -11.91 -3.63
CA THR A 80 -5.37 -11.49 -3.44
C THR A 80 -6.09 -11.67 -4.77
N LEU A 81 -5.90 -12.85 -5.37
CA LEU A 81 -6.48 -13.21 -6.66
C LEU A 81 -8.00 -13.11 -6.74
N SER A 82 -8.48 -12.98 -7.97
CA SER A 82 -9.90 -12.92 -8.28
C SER A 82 -10.03 -13.66 -9.61
N LYS A 83 -11.24 -14.05 -9.97
CA LYS A 83 -11.46 -14.73 -11.24
C LYS A 83 -10.94 -13.86 -12.38
N GLU A 84 -11.22 -12.55 -12.30
CA GLU A 84 -10.78 -11.63 -13.33
C GLU A 84 -9.25 -11.50 -13.38
N SER A 85 -8.60 -11.38 -12.23
CA SER A 85 -7.14 -11.22 -12.24
C SER A 85 -6.44 -12.48 -12.74
N VAL A 86 -6.95 -13.65 -12.39
CA VAL A 86 -6.31 -14.86 -12.87
C VAL A 86 -6.41 -14.87 -14.40
N GLU A 87 -7.59 -14.56 -14.93
CA GLU A 87 -7.78 -14.52 -16.39
C GLU A 87 -6.78 -13.55 -17.00
N ALA A 88 -6.62 -12.39 -16.39
CA ALA A 88 -5.69 -11.38 -16.89
C ALA A 88 -4.24 -11.86 -16.83
N MET A 89 -3.89 -12.58 -15.76
CA MET A 89 -2.53 -13.10 -15.60
C MET A 89 -2.16 -14.05 -16.75
N ILE A 90 -3.13 -14.88 -17.15
CA ILE A 90 -2.91 -15.83 -18.23
C ILE A 90 -2.81 -15.12 -19.59
N ILE A 91 -3.65 -14.10 -19.78
CA ILE A 91 -3.60 -13.33 -21.02
C ILE A 91 -2.23 -12.66 -21.14
N ALA A 92 -1.75 -12.12 -20.03
CA ALA A 92 -0.45 -11.45 -20.01
C ALA A 92 0.69 -12.45 -20.22
N GLY A 93 0.57 -13.62 -19.60
CA GLY A 93 1.61 -14.65 -19.74
C GLY A 93 1.75 -15.15 -21.17
N LYS A 94 0.61 -15.37 -21.82
CA LYS A 94 0.63 -15.85 -23.20
C LYS A 94 1.26 -14.80 -24.11
N SER A 95 0.96 -13.54 -23.85
CA SER A 95 1.52 -12.46 -24.66
C SER A 95 3.03 -12.42 -24.45
N ALA A 96 3.45 -12.56 -23.19
CA ALA A 96 4.87 -12.56 -22.84
C ALA A 96 5.59 -13.74 -23.49
N ASN A 97 4.91 -14.88 -23.55
CA ASN A 97 5.50 -16.07 -24.18
C ASN A 97 5.68 -15.84 -25.67
N GLU A 98 4.74 -15.13 -26.27
CA GLU A 98 4.80 -14.85 -27.70
C GLU A 98 5.98 -13.95 -28.04
N HIS A 99 6.46 -13.18 -27.06
CA HIS A 99 7.57 -12.25 -27.30
C HIS A 99 8.89 -12.56 -26.60
N GLY A 100 8.95 -13.69 -25.88
CA GLY A 100 10.18 -14.05 -25.21
C GLY A 100 10.45 -13.33 -23.89
N VAL A 101 9.41 -12.73 -23.31
CA VAL A 101 9.56 -12.02 -22.04
C VAL A 101 9.41 -13.05 -20.92
N PRO A 102 10.45 -13.22 -20.08
CA PRO A 102 10.38 -14.19 -18.98
C PRO A 102 9.22 -13.95 -18.02
N VAL A 103 8.55 -15.03 -17.62
CA VAL A 103 7.40 -14.95 -16.72
C VAL A 103 7.71 -15.68 -15.39
N ILE A 104 7.54 -14.96 -14.29
CA ILE A 104 7.79 -15.52 -12.95
C ILE A 104 6.48 -15.64 -12.17
N LEU A 105 6.30 -16.75 -11.46
CA LEU A 105 5.08 -16.98 -10.68
C LEU A 105 5.33 -17.11 -9.18
N ASP A 106 4.49 -16.45 -8.38
CA ASP A 106 4.56 -16.54 -6.92
C ASP A 106 3.18 -17.09 -6.52
N PRO A 107 3.10 -18.41 -6.22
CA PRO A 107 1.86 -19.08 -5.84
C PRO A 107 1.45 -18.85 -4.39
N VAL A 108 1.32 -17.58 -4.01
CA VAL A 108 0.96 -17.21 -2.64
C VAL A 108 -0.28 -17.91 -2.10
N GLY A 109 -0.13 -18.59 -0.96
CA GLY A 109 -1.26 -19.25 -0.34
C GLY A 109 -1.75 -20.52 -1.01
N ALA A 110 -1.00 -21.00 -2.00
CA ALA A 110 -1.38 -22.23 -2.68
C ALA A 110 -1.50 -23.31 -1.60
N GLY A 111 -2.64 -24.00 -1.58
CA GLY A 111 -2.87 -25.04 -0.61
C GLY A 111 -3.81 -24.62 0.53
N ALA A 112 -3.85 -23.32 0.81
CA ALA A 112 -4.71 -22.79 1.87
C ALA A 112 -6.18 -22.89 1.48
N THR A 113 -6.46 -22.68 0.20
CA THR A 113 -7.82 -22.79 -0.30
C THR A 113 -7.76 -23.44 -1.67
N PRO A 114 -8.80 -24.20 -2.04
CA PRO A 114 -8.80 -24.87 -3.34
C PRO A 114 -8.68 -23.89 -4.51
N PHE A 115 -9.34 -22.74 -4.41
CA PHE A 115 -9.30 -21.73 -5.47
C PHE A 115 -7.86 -21.32 -5.80
N ARG A 116 -7.03 -21.14 -4.78
CA ARG A 116 -5.63 -20.75 -5.00
C ARG A 116 -4.80 -21.86 -5.62
N THR A 117 -4.99 -23.07 -5.12
CA THR A 117 -4.26 -24.23 -5.64
C THR A 117 -4.64 -24.41 -7.10
N GLU A 118 -5.95 -24.38 -7.38
CA GLU A 118 -6.43 -24.55 -8.75
C GLU A 118 -5.92 -23.43 -9.66
N SER A 119 -6.01 -22.19 -9.17
CA SER A 119 -5.56 -21.04 -9.94
C SER A 119 -4.08 -21.13 -10.30
N ALA A 120 -3.26 -21.50 -9.31
CA ALA A 120 -1.83 -21.64 -9.52
C ALA A 120 -1.58 -22.66 -10.64
N ARG A 121 -2.33 -23.75 -10.62
CA ARG A 121 -2.20 -24.79 -11.62
C ARG A 121 -2.68 -24.36 -13.01
N ASP A 122 -3.74 -23.56 -13.08
CA ASP A 122 -4.23 -23.09 -14.38
C ASP A 122 -3.19 -22.21 -15.07
N ILE A 123 -2.51 -21.37 -14.29
CA ILE A 123 -1.49 -20.50 -14.86
C ILE A 123 -0.33 -21.35 -15.38
N ILE A 124 0.10 -22.31 -14.59
CA ILE A 124 1.19 -23.19 -14.98
C ILE A 124 0.83 -23.93 -16.26
N ARG A 125 -0.42 -24.34 -16.39
CA ARG A 125 -0.88 -25.06 -17.57
C ARG A 125 -0.97 -24.19 -18.82
N GLU A 126 -1.30 -22.92 -18.66
CA GLU A 126 -1.45 -22.02 -19.79
C GLU A 126 -0.28 -21.09 -20.09
N VAL A 127 0.70 -21.03 -19.19
CA VAL A 127 1.83 -20.13 -19.41
C VAL A 127 3.19 -20.80 -19.16
N ARG A 128 4.10 -20.65 -20.12
CA ARG A 128 5.45 -21.19 -19.99
C ARG A 128 6.15 -20.26 -19.01
N LEU A 129 6.54 -20.78 -17.84
CA LEU A 129 7.19 -19.98 -16.81
C LEU A 129 8.70 -20.13 -16.77
N ALA A 130 9.39 -19.04 -16.46
CA ALA A 130 10.85 -19.08 -16.36
C ALA A 130 11.22 -19.58 -14.96
N ALA A 131 10.39 -19.25 -13.98
CA ALA A 131 10.63 -19.69 -12.61
C ALA A 131 9.40 -19.51 -11.72
N ILE A 132 9.38 -20.26 -10.64
CA ILE A 132 8.30 -20.22 -9.65
C ILE A 132 9.00 -20.04 -8.30
N ARG A 133 8.57 -19.04 -7.52
CA ARG A 133 9.15 -18.72 -6.22
C ARG A 133 8.10 -18.78 -5.11
N GLY A 134 8.30 -19.66 -4.13
CA GLY A 134 7.35 -19.76 -3.03
C GLY A 134 7.95 -20.53 -1.86
N ASN A 135 7.15 -20.78 -0.82
CA ASN A 135 7.69 -21.53 0.30
C ASN A 135 7.46 -23.02 0.05
N ALA A 136 8.07 -23.87 0.86
CA ALA A 136 7.94 -25.32 0.69
C ALA A 136 6.51 -25.82 0.56
N ALA A 137 5.64 -25.41 1.48
CA ALA A 137 4.26 -25.86 1.44
C ALA A 137 3.52 -25.49 0.15
N GLU A 138 3.70 -24.25 -0.31
CA GLU A 138 3.04 -23.78 -1.52
C GLU A 138 3.49 -24.58 -2.75
N ILE A 139 4.79 -24.85 -2.85
CA ILE A 139 5.30 -25.62 -3.97
C ILE A 139 4.77 -27.07 -3.90
N ALA A 140 4.75 -27.62 -2.69
CA ALA A 140 4.28 -28.99 -2.47
C ALA A 140 2.80 -29.16 -2.81
N HIS A 141 1.97 -28.20 -2.41
CA HIS A 141 0.55 -28.28 -2.70
C HIS A 141 0.28 -28.06 -4.18
N THR A 142 1.09 -27.19 -4.80
CA THR A 142 0.92 -26.88 -6.20
C THR A 142 1.22 -28.07 -7.10
N VAL A 143 2.38 -28.71 -6.91
CA VAL A 143 2.76 -29.85 -7.74
C VAL A 143 2.17 -31.19 -7.32
N GLY A 144 1.76 -31.29 -6.06
CA GLY A 144 1.20 -32.54 -5.56
C GLY A 144 -0.20 -32.91 -6.00
N VAL A 145 -0.37 -33.20 -7.29
CA VAL A 145 -1.68 -33.57 -7.81
C VAL A 145 -2.18 -34.85 -7.12
N THR A 146 -1.24 -35.63 -6.60
CA THR A 146 -1.55 -36.83 -5.84
C THR A 146 -0.58 -36.74 -4.68
N ASP A 147 -0.84 -37.47 -3.60
CA ASP A 147 0.05 -37.40 -2.45
C ASP A 147 1.30 -38.25 -2.62
N TRP A 148 1.37 -39.04 -3.69
CA TRP A 148 2.55 -39.88 -3.91
C TRP A 148 3.47 -39.35 -5.00
N LEU A 149 2.96 -38.45 -5.84
CA LEU A 149 3.75 -37.89 -6.94
C LEU A 149 5.16 -37.51 -6.50
N ILE A 150 5.26 -36.66 -5.47
CA ILE A 150 6.57 -36.25 -4.96
C ILE A 150 7.06 -37.34 -4.02
N LYS A 151 8.08 -38.07 -4.45
CA LYS A 151 8.64 -39.17 -3.66
C LYS A 151 9.58 -38.67 -2.57
N GLY A 152 9.44 -39.25 -1.38
CA GLY A 152 10.28 -38.88 -0.25
C GLY A 152 9.77 -39.50 1.03
N VAL A 153 10.45 -39.20 2.14
CA VAL A 153 10.06 -39.73 3.44
C VAL A 153 9.13 -38.77 4.17
N ASP A 154 7.93 -39.24 4.47
CA ASP A 154 6.94 -38.43 5.18
C ASP A 154 7.21 -38.43 6.67
N ALA A 155 7.49 -37.25 7.21
CA ALA A 155 7.77 -37.12 8.64
C ALA A 155 7.51 -35.69 9.11
N GLY A 156 7.83 -35.42 10.38
CA GLY A 156 7.62 -34.09 10.93
C GLY A 156 8.48 -33.05 10.25
N GLU A 157 7.84 -31.97 9.78
CA GLU A 157 8.53 -30.89 9.10
C GLU A 157 9.34 -31.40 7.92
N GLY A 158 10.22 -30.56 7.40
CA GLY A 158 11.03 -30.95 6.26
C GLY A 158 12.31 -30.14 6.12
N GLY A 159 13.29 -30.71 5.44
CA GLY A 159 14.56 -30.02 5.24
C GLY A 159 15.32 -30.63 4.08
N GLY A 160 15.89 -31.80 4.31
CA GLY A 160 16.62 -32.48 3.25
C GLY A 160 15.62 -32.88 2.19
N ASP A 161 14.36 -32.87 2.59
CA ASP A 161 13.27 -33.20 1.70
C ASP A 161 13.02 -32.02 0.77
N ILE A 162 13.46 -30.83 1.19
CA ILE A 162 13.28 -29.63 0.40
C ILE A 162 14.09 -29.70 -0.89
N ILE A 163 15.33 -30.15 -0.78
CA ILE A 163 16.18 -30.29 -1.96
C ILE A 163 15.51 -31.27 -2.92
N ARG A 164 15.03 -32.38 -2.37
CA ARG A 164 14.36 -33.39 -3.18
C ARG A 164 13.05 -32.83 -3.73
N LEU A 165 12.37 -32.02 -2.92
CA LEU A 165 11.12 -31.41 -3.35
C LEU A 165 11.40 -30.50 -4.54
N ALA A 166 12.44 -29.67 -4.42
CA ALA A 166 12.82 -28.75 -5.48
C ALA A 166 13.16 -29.50 -6.78
N GLN A 167 14.01 -30.50 -6.67
CA GLN A 167 14.42 -31.29 -7.84
C GLN A 167 13.23 -31.85 -8.59
N GLN A 168 12.39 -32.58 -7.88
CA GLN A 168 11.22 -33.21 -8.50
C GLN A 168 10.25 -32.21 -9.11
N ALA A 169 9.99 -31.11 -8.40
CA ALA A 169 9.09 -30.09 -8.93
C ALA A 169 9.66 -29.48 -10.20
N ALA A 170 10.95 -29.19 -10.18
CA ALA A 170 11.62 -28.60 -11.34
C ALA A 170 11.54 -29.54 -12.55
N GLN A 171 11.71 -30.84 -12.30
CA GLN A 171 11.67 -31.82 -13.37
C GLN A 171 10.24 -32.04 -13.89
N LYS A 172 9.26 -31.98 -12.99
CA LYS A 172 7.86 -32.19 -13.37
C LYS A 172 7.27 -30.98 -14.10
N LEU A 173 7.73 -29.79 -13.74
CA LEU A 173 7.23 -28.56 -14.34
C LEU A 173 8.12 -27.96 -15.42
N ASN A 174 9.34 -28.49 -15.54
CA ASN A 174 10.29 -28.02 -16.55
C ASN A 174 10.56 -26.52 -16.42
N THR A 175 10.94 -26.09 -15.22
CA THR A 175 11.24 -24.69 -14.97
C THR A 175 12.13 -24.58 -13.75
N VAL A 176 12.47 -23.36 -13.37
CA VAL A 176 13.32 -23.14 -12.20
C VAL A 176 12.40 -23.10 -10.98
N ILE A 177 12.78 -23.81 -9.92
CA ILE A 177 11.99 -23.83 -8.71
C ILE A 177 12.82 -23.22 -7.58
N ALA A 178 12.34 -22.10 -7.04
CA ALA A 178 13.03 -21.42 -5.95
C ALA A 178 12.16 -21.47 -4.68
N ILE A 179 12.60 -22.27 -3.71
CA ILE A 179 11.88 -22.41 -2.45
C ILE A 179 12.67 -21.69 -1.37
N THR A 180 12.05 -20.69 -0.74
CA THR A 180 12.73 -19.91 0.28
C THR A 180 12.26 -20.21 1.69
N GLY A 181 13.21 -20.24 2.62
CA GLY A 181 12.95 -20.53 4.03
C GLY A 181 14.22 -20.23 4.80
N GLU A 182 14.38 -20.79 6.01
CA GLU A 182 15.60 -20.52 6.77
C GLU A 182 16.83 -20.80 5.90
N VAL A 183 16.65 -21.76 4.99
CA VAL A 183 17.68 -22.12 4.02
C VAL A 183 16.97 -22.17 2.67
N ASP A 184 17.51 -21.45 1.70
CA ASP A 184 16.90 -21.42 0.38
C ASP A 184 17.47 -22.49 -0.53
N VAL A 185 16.60 -23.02 -1.39
CA VAL A 185 16.98 -24.05 -2.34
C VAL A 185 16.42 -23.68 -3.70
N ILE A 186 17.31 -23.58 -4.69
CA ILE A 186 16.90 -23.24 -6.05
C ILE A 186 17.36 -24.36 -6.97
N ALA A 187 16.48 -24.78 -7.87
CA ALA A 187 16.86 -25.85 -8.79
C ALA A 187 16.15 -25.81 -10.13
N ASP A 188 16.80 -26.37 -11.14
CA ASP A 188 16.20 -26.47 -12.45
C ASP A 188 16.29 -27.97 -12.75
N THR A 189 16.11 -28.36 -14.00
CA THR A 189 16.15 -29.76 -14.37
C THR A 189 17.49 -30.49 -14.22
N SER A 190 18.57 -29.76 -13.99
CA SER A 190 19.86 -30.43 -13.88
C SER A 190 20.79 -29.98 -12.77
N HIS A 191 20.47 -28.89 -12.10
CA HIS A 191 21.34 -28.38 -11.03
C HIS A 191 20.55 -27.98 -9.79
N VAL A 192 21.24 -28.02 -8.65
CA VAL A 192 20.61 -27.66 -7.39
C VAL A 192 21.57 -26.82 -6.53
N TYR A 193 21.06 -25.72 -5.99
CA TYR A 193 21.84 -24.84 -5.14
C TYR A 193 21.09 -24.49 -3.87
N THR A 194 21.83 -24.27 -2.79
CA THR A 194 21.22 -23.84 -1.54
C THR A 194 21.89 -22.50 -1.26
N LEU A 195 21.12 -21.54 -0.76
CA LEU A 195 21.65 -20.21 -0.47
C LEU A 195 21.51 -19.94 1.02
N HIS A 196 22.41 -19.15 1.56
CA HIS A 196 22.37 -18.88 3.00
C HIS A 196 22.57 -17.41 3.39
N ASN A 197 21.72 -16.53 2.88
CA ASN A 197 21.79 -15.12 3.21
C ASN A 197 20.42 -14.61 3.64
N GLY A 198 20.38 -13.42 4.25
CA GLY A 198 19.10 -12.87 4.69
C GLY A 198 19.00 -12.72 6.20
N HIS A 199 17.78 -12.57 6.70
CA HIS A 199 17.56 -12.41 8.14
C HIS A 199 16.10 -12.73 8.50
N LYS A 200 15.88 -13.22 9.71
CA LYS A 200 14.55 -13.57 10.17
C LYS A 200 13.57 -12.41 10.23
N LEU A 201 14.08 -11.18 10.27
CA LEU A 201 13.21 -10.02 10.30
C LEU A 201 12.36 -9.94 9.04
N LEU A 202 12.78 -10.62 7.98
CA LEU A 202 12.03 -10.59 6.73
C LEU A 202 10.65 -11.24 6.92
N THR A 203 10.52 -12.09 7.93
CA THR A 203 9.24 -12.75 8.18
C THR A 203 8.29 -11.78 8.88
N LYS A 204 8.78 -10.59 9.20
CA LYS A 204 7.97 -9.58 9.87
C LYS A 204 7.59 -8.41 8.98
N VAL A 205 7.88 -8.53 7.68
CA VAL A 205 7.55 -7.47 6.73
C VAL A 205 6.69 -8.09 5.63
N THR A 206 5.48 -7.57 5.48
CA THR A 206 4.57 -8.09 4.47
C THR A 206 5.13 -7.80 3.08
N GLY A 207 5.03 -8.79 2.19
CA GLY A 207 5.52 -8.59 0.84
C GLY A 207 7.01 -8.88 0.69
N ALA A 208 7.65 -9.26 1.79
CA ALA A 208 9.07 -9.57 1.73
C ALA A 208 9.28 -10.63 0.66
N GLY A 209 8.38 -11.60 0.62
CA GLY A 209 8.48 -12.66 -0.37
C GLY A 209 7.99 -12.21 -1.73
N CYS A 210 6.93 -11.42 -1.74
CA CYS A 210 6.36 -10.91 -2.99
C CYS A 210 7.37 -10.02 -3.73
N LEU A 211 8.10 -9.19 -3.00
CA LEU A 211 9.12 -8.31 -3.58
C LEU A 211 10.27 -9.17 -4.12
N LEU A 212 10.70 -10.15 -3.32
CA LEU A 212 11.78 -11.04 -3.75
C LEU A 212 11.43 -11.67 -5.09
N THR A 213 10.18 -12.08 -5.25
CA THR A 213 9.76 -12.67 -6.53
C THR A 213 9.91 -11.64 -7.64
N SER A 214 9.57 -10.39 -7.36
CA SER A 214 9.68 -9.33 -8.35
C SER A 214 11.15 -9.06 -8.68
N VAL A 215 12.02 -9.19 -7.68
CA VAL A 215 13.44 -8.98 -7.88
C VAL A 215 13.97 -10.12 -8.77
N VAL A 216 13.46 -11.33 -8.56
CA VAL A 216 13.86 -12.45 -9.40
C VAL A 216 13.52 -12.05 -10.85
N GLY A 217 12.36 -11.42 -11.03
CA GLY A 217 11.95 -10.98 -12.36
C GLY A 217 12.92 -9.98 -12.97
N ALA A 218 13.28 -8.96 -12.20
CA ALA A 218 14.23 -7.95 -12.67
C ALA A 218 15.54 -8.59 -13.13
N PHE A 219 16.04 -9.56 -12.38
CA PHE A 219 17.28 -10.23 -12.77
C PHE A 219 17.09 -11.09 -14.02
N CYS A 220 15.94 -11.75 -14.14
CA CYS A 220 15.69 -12.58 -15.33
C CYS A 220 15.61 -11.71 -16.58
N ALA A 221 15.37 -10.42 -16.39
CA ALA A 221 15.27 -9.50 -17.52
C ALA A 221 16.65 -9.19 -18.08
N VAL A 222 17.70 -9.38 -17.28
CA VAL A 222 19.06 -9.08 -17.74
C VAL A 222 19.98 -10.29 -17.87
N GLU A 223 19.55 -11.45 -17.37
CA GLU A 223 20.34 -12.68 -17.41
C GLU A 223 19.49 -13.78 -18.07
N GLU A 224 19.92 -14.26 -19.23
CA GLU A 224 19.17 -15.26 -19.98
C GLU A 224 18.97 -16.59 -19.28
N ASN A 225 19.84 -16.95 -18.33
CA ASN A 225 19.64 -18.23 -17.65
C ASN A 225 18.88 -17.97 -16.37
N PRO A 226 17.59 -18.36 -16.34
CA PRO A 226 16.75 -18.17 -15.16
C PRO A 226 17.30 -18.75 -13.84
N LEU A 227 18.02 -19.87 -13.92
CA LEU A 227 18.58 -20.44 -12.70
C LEU A 227 19.59 -19.45 -12.14
N PHE A 228 20.50 -19.01 -13.00
CA PHE A 228 21.52 -18.06 -12.61
C PHE A 228 20.91 -16.74 -12.16
N ALA A 229 19.91 -16.27 -12.89
CA ALA A 229 19.24 -15.02 -12.55
C ALA A 229 18.63 -15.11 -11.15
N ALA A 230 17.92 -16.20 -10.89
CA ALA A 230 17.25 -16.42 -9.61
C ALA A 230 18.23 -16.45 -8.43
N ILE A 231 19.36 -17.11 -8.62
CA ILE A 231 20.37 -17.21 -7.56
C ILE A 231 20.94 -15.83 -7.26
N ALA A 232 21.28 -15.08 -8.31
CA ALA A 232 21.83 -13.74 -8.17
C ALA A 232 20.82 -12.84 -7.48
N ALA A 233 19.56 -12.95 -7.88
CA ALA A 233 18.52 -12.12 -7.29
C ALA A 233 18.38 -12.41 -5.80
N ILE A 234 18.19 -13.68 -5.45
CA ILE A 234 18.01 -14.06 -4.06
C ILE A 234 19.23 -13.79 -3.19
N SER A 235 20.43 -13.91 -3.78
CA SER A 235 21.66 -13.66 -3.04
C SER A 235 21.81 -12.17 -2.75
N SER A 236 21.62 -11.36 -3.77
CA SER A 236 21.71 -9.90 -3.64
C SER A 236 20.70 -9.38 -2.62
N TYR A 237 19.48 -9.88 -2.72
CA TYR A 237 18.39 -9.50 -1.81
C TYR A 237 18.76 -9.87 -0.37
N GLY A 238 19.23 -11.10 -0.19
CA GLY A 238 19.62 -11.57 1.13
C GLY A 238 20.73 -10.73 1.76
N VAL A 239 21.73 -10.38 0.96
CA VAL A 239 22.83 -9.56 1.45
C VAL A 239 22.30 -8.20 1.89
N ALA A 240 21.45 -7.59 1.07
CA ALA A 240 20.87 -6.31 1.43
C ALA A 240 20.11 -6.44 2.75
N ALA A 241 19.42 -7.55 2.92
CA ALA A 241 18.64 -7.80 4.14
C ALA A 241 19.53 -7.94 5.37
N GLN A 242 20.64 -8.65 5.25
CA GLN A 242 21.56 -8.82 6.38
C GLN A 242 22.14 -7.47 6.76
N LEU A 243 22.53 -6.68 5.75
CA LEU A 243 23.07 -5.36 6.00
C LEU A 243 22.04 -4.44 6.67
N ALA A 244 20.78 -4.58 6.27
CA ALA A 244 19.71 -3.77 6.84
C ALA A 244 19.46 -4.16 8.29
N ALA A 245 19.46 -5.46 8.55
CA ALA A 245 19.23 -5.98 9.90
C ALA A 245 20.32 -5.50 10.85
N GLN A 246 21.58 -5.68 10.46
CA GLN A 246 22.71 -5.28 11.28
C GLN A 246 22.50 -3.89 11.88
N GLN A 247 21.75 -3.05 11.16
CA GLN A 247 21.49 -1.69 11.61
C GLN A 247 20.09 -1.50 12.17
N THR A 248 19.28 -2.56 12.13
CA THR A 248 17.88 -2.48 12.59
C THR A 248 17.42 -3.55 13.58
N ALA A 249 18.10 -4.68 13.62
CA ALA A 249 17.74 -5.80 14.48
C ALA A 249 17.08 -5.46 15.82
N ASP A 250 17.55 -4.42 16.49
CA ASP A 250 16.98 -4.09 17.79
C ASP A 250 16.00 -2.91 17.77
N LYS A 251 15.75 -2.33 16.61
CA LYS A 251 14.81 -1.23 16.51
C LYS A 251 13.38 -1.70 16.25
N GLY A 252 13.24 -2.72 15.42
CA GLY A 252 11.92 -3.24 15.11
C GLY A 252 11.64 -3.42 13.62
N PRO A 253 10.58 -4.16 13.27
CA PRO A 253 10.21 -4.42 11.87
C PRO A 253 9.94 -3.18 11.02
N GLY A 254 9.51 -2.10 11.65
CA GLY A 254 9.24 -0.88 10.90
C GLY A 254 10.53 -0.28 10.37
N SER A 255 11.51 -0.13 11.26
CA SER A 255 12.80 0.42 10.88
C SER A 255 13.46 -0.50 9.86
N PHE A 256 13.36 -1.82 10.07
CA PHE A 256 13.95 -2.80 9.17
C PHE A 256 13.43 -2.66 7.74
N GLN A 257 12.11 -2.56 7.60
CA GLN A 257 11.50 -2.43 6.28
C GLN A 257 12.12 -1.26 5.52
N ILE A 258 12.17 -0.11 6.19
CA ILE A 258 12.74 1.09 5.60
C ILE A 258 14.21 0.90 5.26
N GLU A 259 14.95 0.26 6.15
CA GLU A 259 16.37 0.05 5.90
C GLU A 259 16.62 -0.96 4.78
N LEU A 260 15.67 -1.87 4.56
CA LEU A 260 15.82 -2.85 3.49
C LEU A 260 15.76 -2.10 2.15
N LEU A 261 14.85 -1.14 2.07
CA LEU A 261 14.71 -0.33 0.86
C LEU A 261 15.99 0.47 0.62
N ASN A 262 16.56 1.00 1.70
CA ASN A 262 17.81 1.78 1.61
C ASN A 262 18.94 0.90 1.08
N LYS A 263 19.08 -0.30 1.67
CA LYS A 263 20.14 -1.21 1.30
C LYS A 263 20.01 -1.81 -0.10
N LEU A 264 18.80 -1.99 -0.58
CA LEU A 264 18.61 -2.50 -1.93
C LEU A 264 19.18 -1.49 -2.90
N SER A 265 19.30 -0.26 -2.42
CA SER A 265 19.82 0.83 -3.24
C SER A 265 21.31 1.05 -3.06
N THR A 266 21.79 0.91 -1.84
CA THR A 266 23.21 1.13 -1.56
C THR A 266 24.09 -0.11 -1.62
N VAL A 267 23.51 -1.31 -1.55
CA VAL A 267 24.33 -2.52 -1.62
C VAL A 267 25.15 -2.48 -2.93
N THR A 268 26.43 -2.82 -2.83
CA THR A 268 27.31 -2.80 -4.00
C THR A 268 27.76 -4.17 -4.50
N GLU A 269 28.48 -4.16 -5.62
CA GLU A 269 29.03 -5.36 -6.22
C GLU A 269 29.94 -6.00 -5.18
N GLN A 270 30.81 -5.19 -4.58
CA GLN A 270 31.75 -5.66 -3.58
C GLN A 270 31.01 -6.36 -2.43
N ASP A 271 29.93 -5.75 -1.94
CA ASP A 271 29.15 -6.34 -0.85
C ASP A 271 28.68 -7.74 -1.23
N VAL A 272 28.15 -7.89 -2.44
CA VAL A 272 27.65 -9.20 -2.87
C VAL A 272 28.79 -10.21 -2.96
N GLN A 273 29.87 -9.82 -3.62
CA GLN A 273 31.05 -10.68 -3.76
C GLN A 273 31.49 -11.23 -2.41
N GLU A 274 31.58 -10.35 -1.42
CA GLU A 274 32.04 -10.73 -0.08
C GLU A 274 31.04 -11.46 0.82
N TRP A 275 29.76 -11.14 0.71
CA TRP A 275 28.75 -11.75 1.58
C TRP A 275 27.89 -12.89 1.03
N ALA A 276 27.63 -12.89 -0.28
CA ALA A 276 26.79 -13.93 -0.88
C ALA A 276 27.34 -15.33 -0.65
N THR A 277 26.51 -16.20 -0.08
CA THR A 277 26.91 -17.58 0.19
C THR A 277 26.08 -18.52 -0.70
N ILE A 278 26.67 -18.92 -1.82
CA ILE A 278 26.04 -19.79 -2.80
C ILE A 278 26.75 -21.13 -2.84
N GLU A 279 26.00 -22.21 -2.63
CA GLU A 279 26.60 -23.53 -2.64
C GLU A 279 25.89 -24.54 -3.52
N ARG A 280 26.63 -25.07 -4.49
CA ARG A 280 26.07 -26.06 -5.39
C ARG A 280 25.95 -27.41 -4.68
N VAL A 281 24.77 -28.00 -4.77
CA VAL A 281 24.50 -29.28 -4.13
C VAL A 281 24.93 -30.46 -4.98
N THR A 282 25.98 -31.15 -4.53
CA THR A 282 26.49 -32.31 -5.24
C THR A 282 25.41 -33.38 -5.30
N VAL A 283 24.69 -33.42 -6.41
CA VAL A 283 23.64 -34.39 -6.61
C VAL A 283 24.01 -35.32 -7.76
N SER A 284 23.77 -36.61 -7.55
CA SER A 284 24.07 -37.64 -8.54
C SER A 284 23.89 -38.99 -7.88
N MET B 1 -4.59 -20.55 20.27
CA MET B 1 -5.90 -21.11 20.70
C MET B 1 -6.62 -20.12 21.60
N ARG B 2 -7.93 -19.99 21.39
CA ARG B 2 -8.73 -19.06 22.17
C ARG B 2 -9.10 -19.64 23.54
N GLY B 3 -8.71 -18.92 24.59
CA GLY B 3 -9.00 -19.36 25.94
C GLY B 3 -9.51 -18.20 26.78
N SER B 4 -9.49 -18.37 28.09
CA SER B 4 -9.94 -17.31 28.98
C SER B 4 -8.81 -16.80 29.85
N HIS B 5 -8.47 -15.52 29.69
CA HIS B 5 -7.39 -14.92 30.46
C HIS B 5 -7.94 -13.99 31.53
N HIS B 6 -9.24 -14.05 31.75
CA HIS B 6 -9.90 -13.22 32.75
C HIS B 6 -11.40 -13.51 32.84
N HIS B 7 -11.93 -13.48 34.06
CA HIS B 7 -13.35 -13.72 34.31
C HIS B 7 -13.88 -12.61 35.19
N HIS B 8 -15.16 -12.26 35.03
CA HIS B 8 -15.74 -11.20 35.85
C HIS B 8 -15.75 -11.61 37.32
N HIS B 9 -15.67 -12.91 37.58
CA HIS B 9 -15.64 -13.43 38.94
C HIS B 9 -14.22 -13.34 39.51
N HIS B 10 -13.37 -12.59 38.81
CA HIS B 10 -12.00 -12.38 39.21
C HIS B 10 -11.73 -10.88 39.27
N GLY B 11 -12.80 -10.10 39.29
CA GLY B 11 -12.65 -8.65 39.33
C GLY B 11 -12.91 -8.03 37.97
N SER B 12 -12.70 -6.73 37.86
CA SER B 12 -12.92 -6.04 36.59
C SER B 12 -11.66 -6.11 35.75
N MET B 13 -11.83 -6.24 34.43
CA MET B 13 -10.71 -6.31 33.51
C MET B 13 -9.66 -5.26 33.88
N ASP B 14 -8.40 -5.66 33.89
CA ASP B 14 -7.33 -4.74 34.25
C ASP B 14 -6.08 -4.92 33.40
N ALA B 15 -5.17 -3.96 33.51
CA ALA B 15 -3.92 -3.98 32.75
C ALA B 15 -3.19 -5.31 32.88
N GLN B 16 -3.23 -5.88 34.08
CA GLN B 16 -2.59 -7.17 34.34
C GLN B 16 -3.05 -8.22 33.34
N SER B 17 -4.36 -8.39 33.22
CA SER B 17 -4.92 -9.37 32.29
C SER B 17 -4.71 -8.94 30.83
N ALA B 18 -4.75 -7.64 30.59
CA ALA B 18 -4.55 -7.14 29.23
C ALA B 18 -3.18 -7.59 28.73
N ALA B 19 -2.18 -7.48 29.60
CA ALA B 19 -0.82 -7.88 29.25
C ALA B 19 -0.75 -9.37 28.98
N LYS B 20 -1.57 -10.14 29.68
CA LYS B 20 -1.60 -11.58 29.49
C LYS B 20 -2.12 -11.93 28.10
N CYS B 21 -3.13 -11.21 27.63
CA CYS B 21 -3.70 -11.46 26.31
C CYS B 21 -2.69 -11.12 25.22
N LEU B 22 -1.88 -10.09 25.46
CA LEU B 22 -0.88 -9.68 24.49
C LEU B 22 0.12 -10.81 24.29
N THR B 23 0.51 -11.43 25.39
CA THR B 23 1.44 -12.55 25.36
C THR B 23 0.81 -13.74 24.65
N ALA B 24 -0.49 -13.92 24.85
CA ALA B 24 -1.22 -15.01 24.20
C ALA B 24 -1.22 -14.83 22.68
N VAL B 25 -1.39 -13.60 22.23
CA VAL B 25 -1.39 -13.31 20.79
C VAL B 25 -0.04 -13.71 20.19
N ARG B 26 1.03 -13.25 20.82
CA ARG B 26 2.36 -13.57 20.33
C ARG B 26 2.71 -15.05 20.42
N ARG B 27 2.17 -15.75 21.42
CA ARG B 27 2.44 -17.17 21.58
C ARG B 27 1.72 -18.01 20.52
N HIS B 28 0.49 -17.61 20.18
CA HIS B 28 -0.29 -18.35 19.20
C HIS B 28 -0.23 -17.81 17.77
N SER B 29 0.20 -16.57 17.60
CA SER B 29 0.27 -15.95 16.28
C SER B 29 -0.97 -16.30 15.45
N PRO B 30 -2.17 -15.92 15.94
CA PRO B 30 -3.43 -16.21 15.25
C PRO B 30 -3.49 -15.71 13.81
N LEU B 31 -4.17 -16.48 12.95
CA LEU B 31 -4.34 -16.10 11.56
C LEU B 31 -5.53 -15.15 11.55
N VAL B 32 -5.30 -13.91 11.10
CA VAL B 32 -6.37 -12.92 11.05
C VAL B 32 -6.68 -12.61 9.59
N HIS B 33 -7.89 -12.97 9.19
CA HIS B 33 -8.36 -12.78 7.82
C HIS B 33 -9.03 -11.41 7.67
N SER B 34 -8.46 -10.55 6.83
CA SER B 34 -9.03 -9.22 6.59
C SER B 34 -9.59 -9.04 5.19
N ILE B 35 -10.77 -8.42 5.13
CA ILE B 35 -11.38 -8.06 3.86
C ILE B 35 -11.49 -6.58 4.15
N THR B 36 -10.51 -5.81 3.68
CA THR B 36 -10.45 -4.38 3.95
C THR B 36 -10.17 -3.51 2.73
N ASN B 37 -10.05 -2.20 2.96
CA ASN B 37 -9.83 -1.25 1.88
C ASN B 37 -8.36 -1.20 1.40
N ASN B 38 -8.16 -0.86 0.11
CA ASN B 38 -6.81 -0.81 -0.45
C ASN B 38 -5.95 0.37 -0.02
N VAL B 39 -6.50 1.24 0.81
CA VAL B 39 -5.71 2.37 1.29
C VAL B 39 -4.89 1.93 2.51
N VAL B 40 -5.35 0.88 3.20
CA VAL B 40 -4.69 0.41 4.41
C VAL B 40 -4.22 -1.05 4.48
N THR B 41 -4.31 -1.77 3.36
CA THR B 41 -3.91 -3.18 3.32
C THR B 41 -2.48 -3.47 3.77
N ASN B 42 -1.51 -2.79 3.17
CA ASN B 42 -0.11 -2.98 3.54
C ASN B 42 0.16 -2.59 5.00
N PHE B 43 -0.36 -1.45 5.44
CA PHE B 43 -0.16 -1.01 6.80
C PHE B 43 -0.79 -1.97 7.80
N THR B 44 -1.98 -2.46 7.46
CA THR B 44 -2.69 -3.41 8.32
C THR B 44 -1.86 -4.69 8.48
N ALA B 45 -1.39 -5.23 7.36
CA ALA B 45 -0.60 -6.45 7.37
C ALA B 45 0.70 -6.29 8.15
N ASN B 46 1.38 -5.16 7.96
CA ASN B 46 2.64 -4.93 8.69
C ASN B 46 2.42 -4.77 10.19
N GLY B 47 1.34 -4.11 10.57
CA GLY B 47 1.03 -3.93 11.98
C GLY B 47 0.77 -5.25 12.68
N LEU B 48 0.00 -6.11 12.04
CA LEU B 48 -0.32 -7.43 12.62
C LEU B 48 0.94 -8.28 12.74
N LEU B 49 1.80 -8.22 11.73
CA LEU B 49 3.05 -8.97 11.77
C LEU B 49 3.93 -8.46 12.92
N ALA B 50 4.03 -7.14 13.04
CA ALA B 50 4.84 -6.55 14.10
C ALA B 50 4.26 -6.99 15.45
N LEU B 51 2.94 -6.91 15.58
CA LEU B 51 2.26 -7.29 16.81
C LEU B 51 2.58 -8.74 17.19
N GLY B 52 2.66 -9.61 16.18
CA GLY B 52 2.95 -11.00 16.42
C GLY B 52 1.93 -11.94 15.82
N ALA B 53 0.91 -11.39 15.17
CA ALA B 53 -0.12 -12.22 14.55
C ALA B 53 0.22 -12.51 13.09
N SER B 54 -0.57 -13.35 12.44
CA SER B 54 -0.36 -13.71 11.04
C SER B 54 -1.52 -13.23 10.16
N PRO B 55 -1.30 -12.17 9.38
CA PRO B 55 -2.38 -11.66 8.54
C PRO B 55 -2.53 -12.35 7.18
N VAL B 56 -3.77 -12.41 6.72
CA VAL B 56 -4.07 -12.95 5.41
C VAL B 56 -5.21 -12.11 4.84
N MET B 57 -5.11 -11.76 3.57
CA MET B 57 -6.16 -10.99 2.92
C MET B 57 -6.68 -11.87 1.79
N ALA B 58 -8.00 -11.98 1.70
CA ALA B 58 -8.65 -12.79 0.66
C ALA B 58 -10.02 -12.16 0.43
N TYR B 59 -10.32 -11.84 -0.83
CA TYR B 59 -11.57 -11.16 -1.17
C TYR B 59 -12.55 -11.85 -2.12
N ALA B 60 -12.03 -12.74 -2.95
CA ALA B 60 -12.86 -13.43 -3.94
C ALA B 60 -13.94 -14.31 -3.33
N LYS B 61 -15.14 -14.22 -3.91
CA LYS B 61 -16.26 -15.03 -3.45
C LYS B 61 -15.92 -16.51 -3.60
N GLU B 62 -14.96 -16.81 -4.48
CA GLU B 62 -14.56 -18.20 -4.70
C GLU B 62 -13.71 -18.77 -3.57
N GLU B 63 -13.30 -17.94 -2.62
CA GLU B 63 -12.49 -18.46 -1.54
C GLU B 63 -12.70 -17.88 -0.15
N VAL B 64 -13.44 -16.78 -0.02
CA VAL B 64 -13.61 -16.18 1.30
C VAL B 64 -14.22 -17.09 2.36
N ALA B 65 -15.16 -17.96 1.98
CA ALA B 65 -15.75 -18.87 2.94
C ALA B 65 -14.69 -19.87 3.43
N ASP B 66 -13.87 -20.33 2.50
CA ASP B 66 -12.80 -21.28 2.79
C ASP B 66 -11.68 -20.68 3.66
N MET B 67 -11.32 -19.43 3.38
CA MET B 67 -10.27 -18.80 4.15
C MET B 67 -10.76 -18.43 5.54
N ALA B 68 -11.99 -17.94 5.62
CA ALA B 68 -12.54 -17.52 6.91
C ALA B 68 -12.67 -18.67 7.92
N LYS B 69 -13.08 -19.85 7.46
CA LYS B 69 -13.27 -20.96 8.37
C LYS B 69 -11.98 -21.52 8.99
N ILE B 70 -10.82 -21.18 8.41
CA ILE B 70 -9.56 -21.66 8.95
C ILE B 70 -8.82 -20.55 9.68
N ALA B 71 -9.45 -19.39 9.80
CA ALA B 71 -8.83 -18.27 10.48
C ALA B 71 -9.14 -18.26 11.98
N GLY B 72 -8.37 -17.47 12.72
CA GLY B 72 -8.59 -17.34 14.14
C GLY B 72 -9.58 -16.20 14.37
N ALA B 73 -9.64 -15.30 13.38
CA ALA B 73 -10.55 -14.16 13.44
C ALA B 73 -10.72 -13.54 12.06
N LEU B 74 -11.92 -13.01 11.81
CA LEU B 74 -12.25 -12.38 10.54
C LEU B 74 -12.57 -10.91 10.80
N VAL B 75 -11.92 -10.01 10.07
CA VAL B 75 -12.13 -8.56 10.24
C VAL B 75 -12.67 -7.98 8.93
N LEU B 76 -13.81 -7.29 9.03
CA LEU B 76 -14.46 -6.67 7.85
C LEU B 76 -14.39 -5.13 7.94
N ASN B 77 -13.79 -4.52 6.93
CA ASN B 77 -13.60 -3.07 6.90
C ASN B 77 -14.15 -2.49 5.59
N ILE B 78 -15.14 -1.60 5.69
CA ILE B 78 -15.77 -1.02 4.49
C ILE B 78 -15.15 0.28 3.96
N GLY B 79 -13.87 0.50 4.25
CA GLY B 79 -13.18 1.70 3.80
C GLY B 79 -13.31 2.09 2.33
N THR B 80 -13.09 1.14 1.43
CA THR B 80 -13.20 1.41 -0.01
C THR B 80 -14.05 0.30 -0.60
N LEU B 81 -15.25 0.18 -0.04
CA LEU B 81 -16.20 -0.85 -0.42
C LEU B 81 -16.77 -0.69 -1.83
N SER B 82 -17.18 -1.83 -2.37
CA SER B 82 -17.80 -1.94 -3.68
C SER B 82 -18.93 -2.92 -3.42
N LYS B 83 -19.97 -2.90 -4.26
CA LYS B 83 -21.10 -3.80 -4.07
C LYS B 83 -20.59 -5.23 -3.92
N GLU B 84 -19.65 -5.59 -4.79
CA GLU B 84 -19.09 -6.93 -4.78
C GLU B 84 -18.31 -7.30 -3.51
N SER B 85 -17.53 -6.36 -2.96
CA SER B 85 -16.75 -6.65 -1.76
C SER B 85 -17.64 -6.85 -0.55
N VAL B 86 -18.74 -6.10 -0.49
CA VAL B 86 -19.68 -6.24 0.64
C VAL B 86 -20.34 -7.62 0.59
N GLU B 87 -20.71 -8.05 -0.61
CA GLU B 87 -21.32 -9.37 -0.76
C GLU B 87 -20.32 -10.43 -0.29
N ALA B 88 -19.05 -10.23 -0.63
CA ALA B 88 -17.98 -11.14 -0.22
C ALA B 88 -17.83 -11.14 1.30
N MET B 89 -17.92 -9.96 1.91
CA MET B 89 -17.79 -9.83 3.36
C MET B 89 -18.87 -10.63 4.10
N ILE B 90 -20.08 -10.61 3.57
CA ILE B 90 -21.20 -11.33 4.16
C ILE B 90 -21.01 -12.85 4.01
N ILE B 91 -20.57 -13.28 2.83
CA ILE B 91 -20.32 -14.70 2.59
C ILE B 91 -19.27 -15.18 3.59
N ALA B 92 -18.21 -14.37 3.77
CA ALA B 92 -17.14 -14.69 4.70
C ALA B 92 -17.63 -14.71 6.15
N GLY B 93 -18.40 -13.69 6.51
CA GLY B 93 -18.93 -13.60 7.87
C GLY B 93 -19.79 -14.79 8.24
N LYS B 94 -20.64 -15.23 7.32
CA LYS B 94 -21.51 -16.37 7.55
C LYS B 94 -20.72 -17.67 7.72
N SER B 95 -19.63 -17.81 6.98
CA SER B 95 -18.79 -19.01 7.10
C SER B 95 -18.14 -18.97 8.50
N ALA B 96 -17.67 -17.79 8.89
CA ALA B 96 -17.03 -17.60 10.19
C ALA B 96 -18.01 -17.96 11.30
N ASN B 97 -19.24 -17.48 11.16
CA ASN B 97 -20.27 -17.74 12.16
C ASN B 97 -20.50 -19.24 12.33
N GLU B 98 -20.65 -19.95 11.22
CA GLU B 98 -20.90 -21.39 11.25
C GLU B 98 -19.75 -22.22 11.79
N HIS B 99 -18.55 -21.63 11.85
CA HIS B 99 -17.40 -22.36 12.36
C HIS B 99 -16.88 -21.83 13.69
N GLY B 100 -17.59 -20.88 14.28
CA GLY B 100 -17.17 -20.32 15.56
C GLY B 100 -16.01 -19.35 15.50
N VAL B 101 -15.79 -18.73 14.35
CA VAL B 101 -14.70 -17.77 14.20
C VAL B 101 -15.23 -16.35 14.46
N PRO B 102 -14.65 -15.64 15.44
CA PRO B 102 -15.12 -14.28 15.74
C PRO B 102 -15.03 -13.34 14.54
N VAL B 103 -16.04 -12.48 14.41
CA VAL B 103 -16.09 -11.53 13.31
C VAL B 103 -16.15 -10.12 13.88
N ILE B 104 -15.27 -9.25 13.41
CA ILE B 104 -15.21 -7.85 13.86
C ILE B 104 -15.47 -6.91 12.68
N LEU B 105 -16.25 -5.85 12.93
CA LEU B 105 -16.60 -4.87 11.90
C LEU B 105 -16.13 -3.44 12.15
N ASP B 106 -15.60 -2.80 11.12
CA ASP B 106 -15.16 -1.41 11.19
C ASP B 106 -16.04 -0.69 10.16
N PRO B 107 -17.08 0.01 10.62
CA PRO B 107 -18.03 0.74 9.78
C PRO B 107 -17.51 2.08 9.26
N VAL B 108 -16.29 2.05 8.69
CA VAL B 108 -15.64 3.24 8.17
C VAL B 108 -16.54 4.07 7.24
N GLY B 109 -16.75 5.33 7.59
CA GLY B 109 -17.55 6.18 6.74
C GLY B 109 -19.06 6.07 6.86
N ALA B 110 -19.54 5.20 7.74
CA ALA B 110 -20.97 5.06 7.92
C ALA B 110 -21.51 6.43 8.32
N GLY B 111 -22.50 6.92 7.57
CA GLY B 111 -23.07 8.23 7.86
C GLY B 111 -22.54 9.30 6.93
N ALA B 112 -21.52 8.97 6.13
CA ALA B 112 -20.93 9.93 5.20
C ALA B 112 -21.63 9.85 3.84
N THR B 113 -22.06 8.63 3.48
CA THR B 113 -22.79 8.41 2.24
C THR B 113 -23.81 7.34 2.55
N PRO B 114 -24.95 7.36 1.86
CA PRO B 114 -25.99 6.36 2.12
C PRO B 114 -25.52 4.93 1.85
N PHE B 115 -24.74 4.76 0.80
CA PHE B 115 -24.22 3.45 0.41
C PHE B 115 -23.43 2.82 1.57
N ARG B 116 -22.68 3.63 2.30
CA ARG B 116 -21.89 3.14 3.42
C ARG B 116 -22.70 2.79 4.66
N THR B 117 -23.71 3.59 4.96
CA THR B 117 -24.54 3.33 6.12
C THR B 117 -25.34 2.04 5.95
N GLU B 118 -25.88 1.88 4.75
CA GLU B 118 -26.68 0.71 4.41
C GLU B 118 -25.82 -0.55 4.34
N SER B 119 -24.59 -0.41 3.84
CA SER B 119 -23.70 -1.57 3.73
C SER B 119 -23.34 -2.09 5.10
N ALA B 120 -23.10 -1.18 6.04
CA ALA B 120 -22.76 -1.57 7.40
C ALA B 120 -23.96 -2.32 7.98
N ARG B 121 -25.14 -1.76 7.75
CA ARG B 121 -26.38 -2.36 8.23
C ARG B 121 -26.63 -3.74 7.65
N ASP B 122 -26.33 -3.91 6.36
CA ASP B 122 -26.53 -5.20 5.71
C ASP B 122 -25.68 -6.27 6.37
N ILE B 123 -24.43 -5.92 6.69
CA ILE B 123 -23.53 -6.86 7.33
C ILE B 123 -24.05 -7.24 8.72
N ILE B 124 -24.52 -6.24 9.47
CA ILE B 124 -25.05 -6.49 10.81
C ILE B 124 -26.29 -7.36 10.74
N ARG B 125 -27.10 -7.17 9.69
CA ARG B 125 -28.31 -7.97 9.53
C ARG B 125 -27.98 -9.42 9.21
N GLU B 126 -26.92 -9.66 8.45
CA GLU B 126 -26.56 -11.01 8.03
C GLU B 126 -25.44 -11.72 8.78
N VAL B 127 -24.68 -11.00 9.59
CA VAL B 127 -23.56 -11.61 10.30
C VAL B 127 -23.53 -11.31 11.80
N ARG B 128 -23.38 -12.36 12.60
CA ARG B 128 -23.29 -12.21 14.06
C ARG B 128 -21.88 -11.69 14.34
N LEU B 129 -21.78 -10.49 14.92
CA LEU B 129 -20.51 -9.87 15.19
C LEU B 129 -20.05 -9.94 16.65
N ALA B 130 -18.77 -10.23 16.84
CA ALA B 130 -18.19 -10.30 18.18
C ALA B 130 -17.98 -8.87 18.68
N ALA B 131 -17.65 -7.97 17.76
CA ALA B 131 -17.43 -6.57 18.12
C ALA B 131 -17.47 -5.60 16.93
N ILE B 132 -17.71 -4.33 17.25
CA ILE B 132 -17.74 -3.27 16.25
C ILE B 132 -16.85 -2.13 16.78
N ARG B 133 -15.87 -1.73 15.98
CA ARG B 133 -14.95 -0.67 16.37
C ARG B 133 -15.02 0.49 15.39
N GLY B 134 -15.34 1.68 15.89
CA GLY B 134 -15.42 2.85 15.04
C GLY B 134 -15.56 4.11 15.87
N ASN B 135 -15.76 5.25 15.22
CA ASN B 135 -15.93 6.50 15.96
C ASN B 135 -17.40 6.69 16.33
N ALA B 136 -17.64 7.61 17.26
CA ALA B 136 -18.98 7.91 17.75
C ALA B 136 -20.05 8.09 16.67
N ALA B 137 -19.77 8.96 15.70
CA ALA B 137 -20.71 9.23 14.62
C ALA B 137 -21.04 7.99 13.79
N GLU B 138 -20.04 7.16 13.50
CA GLU B 138 -20.28 5.97 12.71
C GLU B 138 -21.19 5.01 13.45
N ILE B 139 -20.98 4.87 14.75
CA ILE B 139 -21.81 3.97 15.53
C ILE B 139 -23.24 4.52 15.63
N ALA B 140 -23.35 5.80 15.95
CA ALA B 140 -24.66 6.43 16.09
C ALA B 140 -25.52 6.33 14.82
N HIS B 141 -24.95 6.68 13.68
CA HIS B 141 -25.72 6.63 12.43
C HIS B 141 -25.99 5.23 11.88
N THR B 142 -25.18 4.25 12.28
CA THR B 142 -25.43 2.89 11.83
C THR B 142 -26.61 2.33 12.63
N VAL B 143 -26.57 2.52 13.95
CA VAL B 143 -27.66 2.04 14.80
C VAL B 143 -28.90 2.91 14.60
N GLY B 144 -28.70 4.20 14.34
CA GLY B 144 -29.82 5.10 14.14
C GLY B 144 -30.02 5.95 15.38
N VAL B 145 -30.11 7.25 15.21
CA VAL B 145 -30.28 8.15 16.34
C VAL B 145 -31.63 7.99 17.03
N THR B 146 -31.59 7.62 18.30
CA THR B 146 -32.77 7.41 19.14
C THR B 146 -32.68 8.39 20.30
N ASP B 147 -31.55 8.36 20.99
CA ASP B 147 -31.28 9.26 22.11
C ASP B 147 -30.39 10.38 21.55
N TRP B 148 -30.87 11.61 21.62
CA TRP B 148 -30.12 12.76 21.09
C TRP B 148 -29.21 13.49 22.07
N LEU B 149 -29.63 13.58 23.33
CA LEU B 149 -28.86 14.30 24.35
C LEU B 149 -27.41 13.91 24.55
N ILE B 150 -26.64 14.88 24.99
CA ILE B 150 -25.21 14.72 25.26
C ILE B 150 -24.78 15.87 26.17
N LYS B 151 -24.89 17.09 25.64
CA LYS B 151 -24.54 18.30 26.37
C LYS B 151 -24.77 19.53 25.50
N GLY B 152 -25.30 20.59 26.10
CA GLY B 152 -25.57 21.81 25.36
C GLY B 152 -24.40 22.78 25.40
N VAL B 153 -24.23 23.54 24.32
CA VAL B 153 -23.16 24.52 24.23
C VAL B 153 -21.78 23.87 24.24
N ASP B 154 -20.96 24.22 23.25
CA ASP B 154 -19.62 23.67 23.15
C ASP B 154 -18.78 24.02 24.38
N ALA B 155 -18.66 23.05 25.29
CA ALA B 155 -17.89 23.26 26.51
C ALA B 155 -17.00 22.04 26.78
N GLY B 156 -17.63 20.90 27.05
CA GLY B 156 -16.89 19.70 27.32
C GLY B 156 -17.49 18.48 26.63
N GLU B 157 -16.67 17.47 26.38
CA GLU B 157 -17.13 16.26 25.72
C GLU B 157 -18.03 15.45 26.66
N GLY B 158 -18.01 15.80 27.94
CA GLY B 158 -18.82 15.11 28.91
C GLY B 158 -18.31 13.71 29.20
N GLY B 159 -18.54 12.79 28.28
CA GLY B 159 -18.10 11.43 28.47
C GLY B 159 -19.25 10.47 28.69
N GLY B 160 -20.25 10.91 29.46
CA GLY B 160 -21.41 10.07 29.74
C GLY B 160 -22.28 9.88 28.51
N ASP B 161 -22.23 10.87 27.62
CA ASP B 161 -23.00 10.83 26.38
C ASP B 161 -22.50 9.69 25.49
N ILE B 162 -21.19 9.49 25.48
CA ILE B 162 -20.60 8.43 24.68
C ILE B 162 -20.75 7.08 25.37
N ILE B 163 -20.68 7.08 26.69
CA ILE B 163 -20.83 5.85 27.46
C ILE B 163 -22.25 5.32 27.23
N ARG B 164 -23.20 6.25 27.21
CA ARG B 164 -24.60 5.93 26.99
C ARG B 164 -24.79 5.32 25.61
N LEU B 165 -24.23 5.97 24.61
CA LEU B 165 -24.33 5.50 23.22
C LEU B 165 -23.78 4.09 23.08
N ALA B 166 -22.58 3.88 23.62
CA ALA B 166 -21.92 2.58 23.56
C ALA B 166 -22.77 1.45 24.14
N GLN B 167 -23.18 1.60 25.39
CA GLN B 167 -23.98 0.56 26.03
C GLN B 167 -25.33 0.33 25.36
N GLN B 168 -25.98 1.41 24.91
CA GLN B 168 -27.27 1.28 24.23
C GLN B 168 -27.10 0.50 22.93
N ALA B 169 -26.06 0.86 22.18
CA ALA B 169 -25.79 0.20 20.91
C ALA B 169 -25.44 -1.27 21.14
N ALA B 170 -24.67 -1.53 22.20
CA ALA B 170 -24.27 -2.89 22.52
C ALA B 170 -25.52 -3.75 22.80
N GLN B 171 -26.46 -3.16 23.54
CA GLN B 171 -27.71 -3.84 23.88
C GLN B 171 -28.58 -4.11 22.66
N LYS B 172 -28.70 -3.11 21.79
CA LYS B 172 -29.52 -3.26 20.58
C LYS B 172 -28.95 -4.28 19.60
N LEU B 173 -27.64 -4.23 19.36
CA LEU B 173 -27.02 -5.14 18.41
C LEU B 173 -26.46 -6.41 19.06
N ASN B 174 -26.57 -6.48 20.38
CA ASN B 174 -26.09 -7.65 21.13
C ASN B 174 -24.68 -8.02 20.72
N THR B 175 -23.77 -7.05 20.80
CA THR B 175 -22.38 -7.26 20.45
C THR B 175 -21.56 -6.33 21.32
N VAL B 176 -20.25 -6.33 21.11
CA VAL B 176 -19.36 -5.45 21.86
C VAL B 176 -19.17 -4.20 21.00
N ILE B 177 -19.27 -3.04 21.63
CA ILE B 177 -19.13 -1.78 20.92
C ILE B 177 -17.88 -1.08 21.43
N ALA B 178 -16.92 -0.87 20.54
CA ALA B 178 -15.68 -0.20 20.89
C ALA B 178 -15.63 1.12 20.13
N ILE B 179 -15.87 2.21 20.85
CA ILE B 179 -15.84 3.54 20.25
C ILE B 179 -14.52 4.18 20.64
N THR B 180 -13.76 4.61 19.63
CA THR B 180 -12.47 5.25 19.91
C THR B 180 -12.36 6.66 19.37
N GLY B 181 -11.50 7.45 20.00
CA GLY B 181 -11.29 8.83 19.60
C GLY B 181 -10.81 9.58 20.83
N GLU B 182 -11.24 10.83 20.99
CA GLU B 182 -10.81 11.59 22.16
C GLU B 182 -11.33 10.90 23.40
N VAL B 183 -12.52 10.31 23.32
CA VAL B 183 -13.10 9.62 24.48
C VAL B 183 -12.48 8.23 24.69
N ASP B 184 -13.03 7.22 24.00
CA ASP B 184 -12.58 5.82 24.10
C ASP B 184 -13.40 5.01 25.11
N VAL B 185 -14.47 4.42 24.62
CA VAL B 185 -15.37 3.64 25.48
C VAL B 185 -15.67 2.26 24.89
N ILE B 186 -15.63 1.25 25.75
CA ILE B 186 -15.92 -0.12 25.31
C ILE B 186 -17.01 -0.72 26.18
N ALA B 187 -17.99 -1.35 25.55
CA ALA B 187 -19.07 -1.93 26.33
C ALA B 187 -19.78 -3.10 25.67
N ASP B 188 -20.37 -3.94 26.50
CA ASP B 188 -21.15 -5.04 26.00
C ASP B 188 -22.52 -4.80 26.61
N THR B 189 -23.39 -5.82 26.62
CA THR B 189 -24.72 -5.64 27.15
C THR B 189 -24.81 -5.16 28.60
N SER B 190 -23.95 -5.65 29.48
CA SER B 190 -24.04 -5.25 30.87
C SER B 190 -22.81 -4.58 31.50
N HIS B 191 -21.73 -4.43 30.74
CA HIS B 191 -20.52 -3.82 31.27
C HIS B 191 -20.00 -2.69 30.38
N VAL B 192 -19.42 -1.67 31.00
CA VAL B 192 -18.87 -0.54 30.27
C VAL B 192 -17.53 -0.12 30.85
N TYR B 193 -16.58 0.21 29.98
CA TYR B 193 -15.24 0.64 30.41
C TYR B 193 -14.74 1.84 29.59
N THR B 194 -13.78 2.58 30.17
CA THR B 194 -13.18 3.72 29.49
C THR B 194 -11.68 3.47 29.47
N LEU B 195 -11.04 3.71 28.32
CA LEU B 195 -9.60 3.51 28.21
C LEU B 195 -8.96 4.86 27.99
N HIS B 196 -7.74 5.02 28.50
CA HIS B 196 -7.04 6.27 28.40
C HIS B 196 -5.59 6.15 27.92
N ASN B 197 -5.42 5.59 26.74
CA ASN B 197 -4.09 5.42 26.16
C ASN B 197 -4.10 5.66 24.66
N GLY B 198 -3.63 6.83 24.26
CA GLY B 198 -3.59 7.16 22.86
C GLY B 198 -2.71 8.36 22.64
N HIS B 199 -2.72 8.88 21.42
CA HIS B 199 -1.93 10.06 21.08
C HIS B 199 -2.53 10.66 19.82
N LYS B 200 -2.51 11.99 19.76
CA LYS B 200 -3.06 12.72 18.61
C LYS B 200 -2.38 12.39 17.28
N LEU B 201 -1.12 11.96 17.32
CA LEU B 201 -0.38 11.63 16.11
C LEU B 201 -1.04 10.53 15.28
N LEU B 202 -1.85 9.71 15.93
CA LEU B 202 -2.53 8.63 15.23
C LEU B 202 -3.48 9.21 14.18
N THR B 203 -3.94 10.44 14.41
CA THR B 203 -4.84 11.08 13.45
C THR B 203 -4.07 11.50 12.19
N LYS B 204 -2.76 11.34 12.24
CA LYS B 204 -1.93 11.71 11.09
C LYS B 204 -1.48 10.52 10.27
N VAL B 205 -1.88 9.32 10.68
CA VAL B 205 -1.51 8.11 9.94
C VAL B 205 -2.75 7.42 9.39
N THR B 206 -2.84 7.32 8.06
CA THR B 206 -4.00 6.68 7.44
C THR B 206 -4.05 5.21 7.89
N GLY B 207 -5.26 4.72 8.13
CA GLY B 207 -5.41 3.34 8.56
C GLY B 207 -5.04 3.10 10.03
N ALA B 208 -4.84 4.16 10.81
CA ALA B 208 -4.52 3.98 12.23
C ALA B 208 -5.70 3.29 12.92
N GLY B 209 -6.92 3.65 12.51
CA GLY B 209 -8.10 3.03 13.10
C GLY B 209 -8.37 1.66 12.50
N CYS B 210 -8.05 1.51 11.21
CA CYS B 210 -8.28 0.25 10.51
C CYS B 210 -7.40 -0.85 11.11
N LEU B 211 -6.14 -0.51 11.37
CA LEU B 211 -5.20 -1.44 11.98
C LEU B 211 -5.65 -1.77 13.40
N LEU B 212 -6.16 -0.77 14.11
CA LEU B 212 -6.61 -0.99 15.48
C LEU B 212 -7.73 -2.03 15.51
N THR B 213 -8.62 -1.97 14.54
CA THR B 213 -9.73 -2.93 14.48
C THR B 213 -9.17 -4.33 14.21
N SER B 214 -8.12 -4.40 13.40
CA SER B 214 -7.49 -5.68 13.08
C SER B 214 -6.82 -6.26 14.32
N VAL B 215 -6.26 -5.39 15.14
CA VAL B 215 -5.59 -5.81 16.36
C VAL B 215 -6.65 -6.39 17.31
N VAL B 216 -7.83 -5.76 17.33
CA VAL B 216 -8.92 -6.23 18.17
C VAL B 216 -9.24 -7.65 17.72
N GLY B 217 -9.17 -7.88 16.41
CA GLY B 217 -9.44 -9.20 15.88
C GLY B 217 -8.41 -10.20 16.35
N ALA B 218 -7.14 -9.81 16.37
CA ALA B 218 -6.06 -10.70 16.81
C ALA B 218 -6.28 -11.12 18.27
N PHE B 219 -6.73 -10.19 19.10
CA PHE B 219 -6.99 -10.50 20.50
C PHE B 219 -8.23 -11.37 20.69
N CYS B 220 -9.25 -11.15 19.86
CA CYS B 220 -10.47 -11.96 19.95
C CYS B 220 -10.19 -13.40 19.52
N ALA B 221 -9.09 -13.61 18.80
CA ALA B 221 -8.73 -14.93 18.34
C ALA B 221 -8.17 -15.79 19.46
N VAL B 222 -7.76 -15.16 20.56
CA VAL B 222 -7.19 -15.89 21.67
C VAL B 222 -7.93 -15.70 23.00
N GLU B 223 -8.76 -14.67 23.08
CA GLU B 223 -9.54 -14.40 24.29
C GLU B 223 -11.02 -14.63 23.98
N GLU B 224 -11.60 -15.62 24.66
CA GLU B 224 -13.00 -15.97 24.46
C GLU B 224 -14.01 -14.83 24.59
N ASN B 225 -13.86 -14.00 25.61
CA ASN B 225 -14.78 -12.87 25.83
C ASN B 225 -14.32 -11.65 25.03
N PRO B 226 -15.08 -11.29 23.98
CA PRO B 226 -14.74 -10.14 23.14
C PRO B 226 -14.60 -8.80 23.87
N LEU B 227 -15.28 -8.64 25.00
CA LEU B 227 -15.17 -7.40 25.76
C LEU B 227 -13.76 -7.29 26.32
N PHE B 228 -13.28 -8.39 26.92
CA PHE B 228 -11.93 -8.41 27.48
C PHE B 228 -10.91 -8.32 26.34
N ALA B 229 -11.17 -9.02 25.25
CA ALA B 229 -10.27 -9.02 24.09
C ALA B 229 -10.08 -7.61 23.53
N ALA B 230 -11.19 -6.90 23.33
CA ALA B 230 -11.14 -5.54 22.79
C ALA B 230 -10.42 -4.58 23.72
N ILE B 231 -10.66 -4.72 25.03
CA ILE B 231 -10.01 -3.85 25.99
C ILE B 231 -8.49 -4.06 25.98
N ALA B 232 -8.07 -5.31 25.96
CA ALA B 232 -6.65 -5.65 25.94
C ALA B 232 -6.00 -5.13 24.67
N ALA B 233 -6.66 -5.35 23.53
CA ALA B 233 -6.15 -4.92 22.25
C ALA B 233 -5.93 -3.41 22.19
N ILE B 234 -6.97 -2.65 22.52
CA ILE B 234 -6.90 -1.20 22.47
C ILE B 234 -5.90 -0.61 23.46
N SER B 235 -5.83 -1.21 24.65
CA SER B 235 -4.88 -0.73 25.65
C SER B 235 -3.45 -0.94 25.15
N SER B 236 -3.17 -2.14 24.66
CA SER B 236 -1.83 -2.47 24.17
C SER B 236 -1.43 -1.57 23.00
N TYR B 237 -2.37 -1.35 22.09
CA TYR B 237 -2.15 -0.51 20.92
C TYR B 237 -1.86 0.92 21.40
N GLY B 238 -2.66 1.35 22.37
CA GLY B 238 -2.50 2.69 22.93
C GLY B 238 -1.18 2.91 23.61
N VAL B 239 -0.70 1.89 24.32
CA VAL B 239 0.58 1.98 25.01
C VAL B 239 1.68 2.06 23.95
N ALA B 240 1.58 1.18 22.94
CA ALA B 240 2.55 1.17 21.86
C ALA B 240 2.55 2.53 21.17
N ALA B 241 1.36 3.08 20.92
CA ALA B 241 1.24 4.38 20.26
C ALA B 241 1.91 5.47 21.09
N GLN B 242 1.77 5.37 22.41
CA GLN B 242 2.38 6.36 23.30
C GLN B 242 3.90 6.25 23.24
N LEU B 243 4.42 5.03 23.35
CA LEU B 243 5.86 4.83 23.27
C LEU B 243 6.42 5.32 21.93
N ALA B 244 5.70 5.03 20.85
CA ALA B 244 6.13 5.45 19.52
C ALA B 244 6.20 6.97 19.47
N ALA B 245 5.21 7.63 20.09
CA ALA B 245 5.18 9.09 20.11
C ALA B 245 6.37 9.67 20.87
N GLN B 246 6.74 9.05 22.00
CA GLN B 246 7.87 9.52 22.79
C GLN B 246 9.13 9.48 21.93
N GLN B 247 9.39 8.32 21.33
CA GLN B 247 10.55 8.11 20.47
C GLN B 247 10.55 9.05 19.26
N THR B 248 9.36 9.36 18.77
CA THR B 248 9.24 10.22 17.59
C THR B 248 9.56 11.68 17.87
N ALA B 249 8.98 12.22 18.94
CA ALA B 249 9.19 13.61 19.30
C ALA B 249 8.67 14.55 18.21
N ASP B 250 9.54 15.43 17.73
CA ASP B 250 9.14 16.38 16.70
C ASP B 250 9.60 16.02 15.29
N LYS B 251 9.86 14.73 15.04
CA LYS B 251 10.31 14.31 13.72
C LYS B 251 9.20 14.43 12.66
N GLY B 252 7.99 13.97 13.00
CA GLY B 252 6.90 14.07 12.06
C GLY B 252 6.04 12.81 11.95
N PRO B 253 4.90 12.89 11.24
CA PRO B 253 3.98 11.76 11.05
C PRO B 253 4.57 10.57 10.30
N GLY B 254 5.60 10.81 9.49
CA GLY B 254 6.23 9.72 8.77
C GLY B 254 7.03 8.86 9.74
N SER B 255 7.84 9.50 10.59
CA SER B 255 8.65 8.78 11.57
C SER B 255 7.73 8.04 12.55
N PHE B 256 6.64 8.68 12.93
CA PHE B 256 5.68 8.10 13.86
C PHE B 256 5.05 6.81 13.33
N GLN B 257 4.70 6.80 12.05
CA GLN B 257 4.09 5.61 11.44
C GLN B 257 5.06 4.44 11.54
N ILE B 258 6.33 4.71 11.25
CA ILE B 258 7.37 3.70 11.31
C ILE B 258 7.60 3.24 12.76
N GLU B 259 7.63 4.18 13.69
CA GLU B 259 7.84 3.84 15.09
C GLU B 259 6.66 3.06 15.69
N LEU B 260 5.45 3.29 15.19
CA LEU B 260 4.29 2.57 15.69
C LEU B 260 4.47 1.09 15.36
N LEU B 261 4.94 0.80 14.14
CA LEU B 261 5.17 -0.58 13.74
C LEU B 261 6.26 -1.18 14.64
N ASN B 262 7.30 -0.41 14.91
CA ASN B 262 8.38 -0.89 15.78
C ASN B 262 7.86 -1.25 17.18
N LYS B 263 7.17 -0.32 17.80
CA LYS B 263 6.65 -0.52 19.16
C LYS B 263 5.59 -1.63 19.30
N LEU B 264 4.85 -1.92 18.22
CA LEU B 264 3.86 -2.98 18.31
C LEU B 264 4.64 -4.29 18.45
N SER B 265 5.91 -4.24 18.07
CA SER B 265 6.76 -5.41 18.15
C SER B 265 7.55 -5.45 19.46
N THR B 266 8.01 -4.30 19.92
CA THR B 266 8.81 -4.24 21.13
C THR B 266 8.05 -3.99 22.42
N VAL B 267 6.79 -3.57 22.33
CA VAL B 267 6.01 -3.32 23.53
C VAL B 267 5.97 -4.63 24.33
N THR B 268 6.19 -4.53 25.64
CA THR B 268 6.21 -5.73 26.48
C THR B 268 5.02 -5.89 27.40
N GLU B 269 4.88 -7.11 27.92
CA GLU B 269 3.80 -7.43 28.84
C GLU B 269 3.92 -6.49 30.05
N GLN B 270 5.16 -6.21 30.43
CA GLN B 270 5.40 -5.33 31.57
C GLN B 270 5.00 -3.90 31.22
N ASP B 271 5.25 -3.50 29.97
CA ASP B 271 4.88 -2.16 29.53
C ASP B 271 3.38 -1.94 29.66
N VAL B 272 2.60 -2.98 29.35
CA VAL B 272 1.15 -2.89 29.43
C VAL B 272 0.69 -2.83 30.89
N GLN B 273 1.19 -3.75 31.71
CA GLN B 273 0.84 -3.80 33.12
C GLN B 273 1.14 -2.47 33.80
N GLU B 274 2.09 -1.72 33.22
CA GLU B 274 2.51 -0.44 33.77
C GLU B 274 1.76 0.80 33.29
N TRP B 275 1.54 0.92 31.98
CA TRP B 275 0.88 2.10 31.45
C TRP B 275 -0.58 1.97 31.04
N ALA B 276 -1.07 0.74 30.89
CA ALA B 276 -2.46 0.55 30.50
C ALA B 276 -3.40 1.19 31.51
N THR B 277 -4.26 2.10 31.06
CA THR B 277 -5.21 2.78 31.93
C THR B 277 -6.64 2.35 31.59
N ILE B 278 -7.16 1.43 32.38
CA ILE B 278 -8.51 0.89 32.16
C ILE B 278 -9.43 1.25 33.33
N GLU B 279 -10.52 1.97 33.03
CA GLU B 279 -11.48 2.36 34.05
C GLU B 279 -12.87 1.75 33.86
N ARG B 280 -13.30 0.94 34.81
CA ARG B 280 -14.63 0.34 34.74
C ARG B 280 -15.61 1.42 35.15
N VAL B 281 -16.64 1.63 34.33
CA VAL B 281 -17.62 2.66 34.64
C VAL B 281 -18.82 2.12 35.39
N THR B 282 -19.10 2.73 36.53
CA THR B 282 -20.23 2.35 37.37
C THR B 282 -21.49 3.10 36.96
N VAL B 283 -22.28 2.50 36.08
CA VAL B 283 -23.52 3.10 35.62
C VAL B 283 -24.72 2.38 36.22
N SER B 284 -25.71 3.14 36.68
CA SER B 284 -26.92 2.57 37.28
C SER B 284 -28.00 3.63 37.36
N MET C 1 -13.73 28.37 0.60
CA MET C 1 -12.28 28.43 0.93
C MET C 1 -11.44 28.72 -0.31
N ARG C 2 -12.10 28.72 -1.47
CA ARG C 2 -11.44 28.95 -2.76
C ARG C 2 -11.16 30.45 -2.97
N GLY C 3 -10.13 30.97 -2.32
CA GLY C 3 -9.80 32.38 -2.46
C GLY C 3 -8.87 32.73 -3.62
N SER C 4 -8.42 33.98 -3.65
CA SER C 4 -7.50 34.46 -4.69
C SER C 4 -6.26 35.00 -4.00
N HIS C 5 -5.15 34.29 -4.16
CA HIS C 5 -3.91 34.67 -3.49
C HIS C 5 -2.88 35.36 -4.38
N HIS C 6 -3.23 35.57 -5.65
CA HIS C 6 -2.34 36.26 -6.57
C HIS C 6 -3.06 36.64 -7.85
N HIS C 7 -2.55 37.68 -8.50
CA HIS C 7 -3.12 38.15 -9.76
C HIS C 7 -2.00 38.74 -10.61
N HIS C 8 -2.04 38.49 -11.91
CA HIS C 8 -1.01 38.98 -12.80
C HIS C 8 -0.89 40.51 -12.88
N HIS C 9 -1.94 41.22 -12.45
CA HIS C 9 -1.90 42.68 -12.45
C HIS C 9 -0.89 43.17 -11.41
N HIS C 10 -0.42 42.27 -10.56
CA HIS C 10 0.54 42.61 -9.53
C HIS C 10 1.91 42.02 -9.80
N GLY C 11 2.07 41.40 -10.96
CA GLY C 11 3.35 40.80 -11.31
C GLY C 11 3.24 39.30 -11.50
N SER C 12 4.38 38.66 -11.75
CA SER C 12 4.42 37.21 -11.94
C SER C 12 4.16 36.48 -10.63
N MET C 13 3.55 35.30 -10.75
CA MET C 13 3.30 34.45 -9.58
C MET C 13 4.70 34.29 -8.98
N ASP C 14 4.81 34.36 -7.66
CA ASP C 14 6.12 34.24 -7.02
C ASP C 14 6.13 33.41 -5.75
N ALA C 15 7.29 33.36 -5.10
CA ALA C 15 7.46 32.58 -3.87
C ALA C 15 6.57 33.03 -2.72
N GLN C 16 6.37 34.33 -2.58
CA GLN C 16 5.54 34.83 -1.50
C GLN C 16 4.09 34.36 -1.64
N SER C 17 3.55 34.44 -2.85
CA SER C 17 2.18 34.01 -3.09
C SER C 17 2.06 32.50 -2.96
N ALA C 18 3.11 31.79 -3.34
CA ALA C 18 3.11 30.34 -3.23
C ALA C 18 3.01 30.00 -1.74
N ALA C 19 3.82 30.69 -0.94
CA ALA C 19 3.84 30.47 0.50
C ALA C 19 2.47 30.75 1.11
N LYS C 20 1.76 31.75 0.58
CA LYS C 20 0.43 32.08 1.10
C LYS C 20 -0.53 30.93 0.83
N CYS C 21 -0.45 30.35 -0.37
CA CYS C 21 -1.32 29.24 -0.73
C CYS C 21 -1.13 28.04 0.20
N LEU C 22 0.11 27.76 0.57
CA LEU C 22 0.42 26.65 1.47
C LEU C 22 -0.27 26.85 2.81
N THR C 23 -0.17 28.06 3.35
CA THR C 23 -0.82 28.37 4.62
C THR C 23 -2.33 28.17 4.51
N ALA C 24 -2.92 28.55 3.37
CA ALA C 24 -4.35 28.40 3.19
C ALA C 24 -4.74 26.92 3.24
N VAL C 25 -3.88 26.06 2.71
CA VAL C 25 -4.14 24.63 2.74
C VAL C 25 -4.17 24.17 4.20
N ARG C 26 -3.18 24.60 4.97
CA ARG C 26 -3.12 24.22 6.38
C ARG C 26 -4.35 24.76 7.11
N ARG C 27 -4.72 25.99 6.78
CA ARG C 27 -5.85 26.64 7.43
C ARG C 27 -7.20 25.97 7.17
N HIS C 28 -7.52 25.72 5.90
CA HIS C 28 -8.80 25.13 5.53
C HIS C 28 -8.88 23.62 5.46
N SER C 29 -7.73 22.93 5.44
CA SER C 29 -7.72 21.48 5.38
C SER C 29 -8.75 20.96 4.36
N PRO C 30 -8.58 21.31 3.08
CA PRO C 30 -9.50 20.90 2.03
C PRO C 30 -9.68 19.39 1.88
N LEU C 31 -10.90 18.99 1.56
CA LEU C 31 -11.20 17.59 1.35
C LEU C 31 -10.78 17.31 -0.09
N VAL C 32 -9.81 16.42 -0.26
CA VAL C 32 -9.32 16.06 -1.59
C VAL C 32 -9.74 14.62 -1.88
N HIS C 33 -10.62 14.47 -2.86
CA HIS C 33 -11.11 13.17 -3.25
C HIS C 33 -10.23 12.61 -4.37
N SER C 34 -9.53 11.52 -4.08
CA SER C 34 -8.66 10.89 -5.06
C SER C 34 -9.20 9.54 -5.53
N ILE C 35 -9.20 9.33 -6.85
CA ILE C 35 -9.60 8.04 -7.41
C ILE C 35 -8.29 7.76 -8.14
N THR C 36 -7.40 7.06 -7.45
CA THR C 36 -6.07 6.81 -7.94
C THR C 36 -5.71 5.32 -8.07
N ASN C 37 -4.46 5.03 -8.45
CA ASN C 37 -4.00 3.65 -8.64
C ASN C 37 -3.70 2.93 -7.31
N ASN C 38 -3.75 1.59 -7.29
CA ASN C 38 -3.53 0.89 -6.03
C ASN C 38 -2.08 0.70 -5.59
N VAL C 39 -1.15 1.31 -6.30
CA VAL C 39 0.25 1.23 -5.92
C VAL C 39 0.58 2.44 -5.03
N VAL C 40 -0.26 3.46 -5.09
CA VAL C 40 -0.01 4.70 -4.35
C VAL C 40 -1.09 5.21 -3.39
N THR C 41 -2.15 4.43 -3.19
CA THR C 41 -3.24 4.84 -2.31
C THR C 41 -2.80 5.23 -0.90
N ASN C 42 -2.10 4.33 -0.22
CA ASN C 42 -1.68 4.59 1.16
C ASN C 42 -0.73 5.79 1.23
N PHE C 43 0.22 5.87 0.29
CA PHE C 43 1.17 6.98 0.28
C PHE C 43 0.48 8.34 0.03
N THR C 44 -0.46 8.35 -0.89
CA THR C 44 -1.20 9.58 -1.20
C THR C 44 -1.96 10.09 0.02
N ALA C 45 -2.65 9.19 0.70
CA ALA C 45 -3.41 9.55 1.89
C ALA C 45 -2.50 10.08 2.99
N ASN C 46 -1.39 9.39 3.24
CA ASN C 46 -0.46 9.83 4.27
C ASN C 46 0.22 11.16 3.90
N GLY C 47 0.52 11.35 2.62
CA GLY C 47 1.14 12.60 2.18
C GLY C 47 0.19 13.77 2.36
N LEU C 48 -1.08 13.58 2.03
CA LEU C 48 -2.07 14.64 2.18
C LEU C 48 -2.31 14.95 3.67
N LEU C 49 -2.37 13.92 4.51
CA LEU C 49 -2.56 14.13 5.94
C LEU C 49 -1.37 14.92 6.49
N ALA C 50 -0.16 14.51 6.13
CA ALA C 50 1.02 15.20 6.59
C ALA C 50 0.95 16.69 6.22
N LEU C 51 0.58 16.96 4.97
CA LEU C 51 0.46 18.33 4.46
C LEU C 51 -0.56 19.18 5.22
N GLY C 52 -1.63 18.54 5.66
CA GLY C 52 -2.67 19.25 6.40
C GLY C 52 -4.01 19.23 5.68
N ALA C 53 -4.11 18.43 4.62
CA ALA C 53 -5.36 18.31 3.86
C ALA C 53 -6.17 17.11 4.35
N SER C 54 -7.40 16.97 3.85
CA SER C 54 -8.28 15.87 4.24
C SER C 54 -8.50 14.90 3.08
N PRO C 55 -7.78 13.78 3.06
CA PRO C 55 -7.91 12.80 1.98
C PRO C 55 -9.10 11.85 2.11
N VAL C 56 -9.74 11.59 0.98
CA VAL C 56 -10.84 10.65 0.95
C VAL C 56 -10.70 9.81 -0.32
N MET C 57 -10.72 8.50 -0.13
CA MET C 57 -10.61 7.54 -1.23
C MET C 57 -11.93 6.79 -1.33
N ALA C 58 -12.61 6.96 -2.45
CA ALA C 58 -13.88 6.28 -2.70
C ALA C 58 -13.86 6.01 -4.21
N TYR C 59 -14.15 4.77 -4.59
CA TYR C 59 -14.10 4.36 -6.00
C TYR C 59 -15.42 3.83 -6.55
N ALA C 60 -16.28 3.34 -5.66
CA ALA C 60 -17.56 2.77 -6.07
C ALA C 60 -18.47 3.76 -6.80
N LYS C 61 -19.02 3.32 -7.93
CA LYS C 61 -19.92 4.16 -8.71
C LYS C 61 -21.16 4.45 -7.88
N GLU C 62 -21.42 3.60 -6.88
CA GLU C 62 -22.56 3.77 -6.00
C GLU C 62 -22.38 5.00 -5.10
N GLU C 63 -21.15 5.50 -4.97
CA GLU C 63 -20.94 6.65 -4.09
C GLU C 63 -20.02 7.79 -4.57
N VAL C 64 -19.32 7.61 -5.70
CA VAL C 64 -18.40 8.67 -6.15
C VAL C 64 -19.04 10.02 -6.51
N ALA C 65 -20.27 10.01 -7.01
CA ALA C 65 -20.92 11.27 -7.37
C ALA C 65 -21.12 12.10 -6.12
N ASP C 66 -21.63 11.45 -5.07
CA ASP C 66 -21.89 12.09 -3.78
C ASP C 66 -20.63 12.57 -3.08
N MET C 67 -19.53 11.84 -3.22
CA MET C 67 -18.30 12.23 -2.56
C MET C 67 -17.64 13.40 -3.27
N ALA C 68 -17.62 13.38 -4.60
CA ALA C 68 -16.99 14.44 -5.36
C ALA C 68 -17.72 15.79 -5.24
N LYS C 69 -19.05 15.76 -5.14
CA LYS C 69 -19.82 16.99 -5.03
C LYS C 69 -19.48 17.82 -3.79
N ILE C 70 -19.05 17.17 -2.72
CA ILE C 70 -18.71 17.88 -1.49
C ILE C 70 -17.21 18.10 -1.27
N ALA C 71 -16.40 17.56 -2.18
CA ALA C 71 -14.94 17.69 -2.07
C ALA C 71 -14.46 19.07 -2.48
N GLY C 72 -13.22 19.40 -2.09
CA GLY C 72 -12.64 20.67 -2.46
C GLY C 72 -11.97 20.54 -3.81
N ALA C 73 -11.59 19.30 -4.14
CA ALA C 73 -10.92 19.01 -5.40
C ALA C 73 -11.02 17.52 -5.69
N LEU C 74 -11.05 17.19 -6.97
CA LEU C 74 -11.14 15.81 -7.42
C LEU C 74 -9.90 15.49 -8.24
N VAL C 75 -9.22 14.40 -7.91
CA VAL C 75 -8.02 13.98 -8.62
C VAL C 75 -8.22 12.56 -9.17
N LEU C 76 -8.07 12.43 -10.49
CA LEU C 76 -8.23 11.14 -11.19
C LEU C 76 -6.86 10.67 -11.68
N ASN C 77 -6.53 9.41 -11.38
CA ASN C 77 -5.23 8.81 -11.71
C ASN C 77 -5.41 7.40 -12.30
N ILE C 78 -4.97 7.20 -13.54
CA ILE C 78 -5.14 5.92 -14.23
C ILE C 78 -3.99 4.91 -14.11
N GLY C 79 -3.15 5.09 -13.08
CA GLY C 79 -2.01 4.19 -12.87
C GLY C 79 -2.29 2.69 -12.96
N THR C 80 -3.43 2.26 -12.42
CA THR C 80 -3.81 0.84 -12.47
C THR C 80 -5.28 0.79 -12.88
N LEU C 81 -5.59 1.47 -13.99
CA LEU C 81 -6.97 1.57 -14.48
C LEU C 81 -7.65 0.26 -14.85
N SER C 82 -8.98 0.31 -14.84
CA SER C 82 -9.84 -0.80 -15.22
C SER C 82 -11.01 -0.12 -15.91
N LYS C 83 -11.80 -0.86 -16.67
CA LYS C 83 -12.94 -0.26 -17.33
C LYS C 83 -13.88 0.31 -16.26
N GLU C 84 -14.03 -0.41 -15.16
CA GLU C 84 -14.90 0.04 -14.07
C GLU C 84 -14.44 1.35 -13.43
N SER C 85 -13.14 1.44 -13.12
CA SER C 85 -12.62 2.64 -12.47
C SER C 85 -12.66 3.85 -13.41
N VAL C 86 -12.47 3.62 -14.70
CA VAL C 86 -12.53 4.71 -15.67
C VAL C 86 -13.95 5.26 -15.69
N GLU C 87 -14.93 4.36 -15.62
CA GLU C 87 -16.34 4.75 -15.58
C GLU C 87 -16.60 5.64 -14.37
N ALA C 88 -16.10 5.18 -13.22
CA ALA C 88 -16.26 5.90 -11.96
C ALA C 88 -15.59 7.27 -12.00
N MET C 89 -14.43 7.35 -12.65
CA MET C 89 -13.73 8.62 -12.72
C MET C 89 -14.56 9.64 -13.51
N ILE C 90 -15.21 9.20 -14.57
CA ILE C 90 -16.03 10.11 -15.38
C ILE C 90 -17.32 10.49 -14.66
N ILE C 91 -17.89 9.55 -13.92
CA ILE C 91 -19.11 9.84 -13.16
C ILE C 91 -18.77 10.87 -12.11
N ALA C 92 -17.64 10.66 -11.42
CA ALA C 92 -17.20 11.58 -10.39
C ALA C 92 -16.85 12.93 -11.01
N GLY C 93 -16.18 12.91 -12.15
CA GLY C 93 -15.79 14.15 -12.81
C GLY C 93 -16.98 14.99 -13.22
N LYS C 94 -18.03 14.34 -13.71
CA LYS C 94 -19.22 15.08 -14.14
C LYS C 94 -19.91 15.70 -12.92
N SER C 95 -19.98 14.96 -11.82
CA SER C 95 -20.59 15.49 -10.60
C SER C 95 -19.76 16.70 -10.16
N ALA C 96 -18.44 16.55 -10.20
CA ALA C 96 -17.55 17.65 -9.82
C ALA C 96 -17.80 18.86 -10.70
N ASN C 97 -17.88 18.65 -12.01
CA ASN C 97 -18.11 19.74 -12.96
C ASN C 97 -19.44 20.45 -12.67
N GLU C 98 -20.47 19.67 -12.35
CA GLU C 98 -21.78 20.23 -12.07
C GLU C 98 -21.77 21.06 -10.78
N HIS C 99 -20.89 20.71 -9.85
CA HIS C 99 -20.83 21.43 -8.60
C HIS C 99 -19.67 22.41 -8.42
N GLY C 100 -18.90 22.64 -9.49
CA GLY C 100 -17.79 23.60 -9.38
C GLY C 100 -16.52 23.11 -8.71
N VAL C 101 -16.41 21.80 -8.48
CA VAL C 101 -15.22 21.25 -7.85
C VAL C 101 -14.17 21.00 -8.93
N PRO C 102 -13.00 21.66 -8.81
CA PRO C 102 -11.93 21.49 -9.80
C PRO C 102 -11.45 20.05 -9.93
N VAL C 103 -11.21 19.62 -11.16
CA VAL C 103 -10.75 18.26 -11.43
C VAL C 103 -9.34 18.25 -12.02
N ILE C 104 -8.49 17.38 -11.46
CA ILE C 104 -7.10 17.24 -11.90
C ILE C 104 -6.86 15.82 -12.40
N LEU C 105 -6.21 15.70 -13.55
CA LEU C 105 -5.90 14.40 -14.13
C LEU C 105 -4.41 14.09 -14.16
N ASP C 106 -4.06 12.85 -13.84
CA ASP C 106 -2.67 12.39 -13.88
C ASP C 106 -2.75 11.18 -14.83
N PRO C 107 -2.38 11.38 -16.11
CA PRO C 107 -2.42 10.32 -17.13
C PRO C 107 -1.25 9.32 -17.10
N VAL C 108 -1.03 8.73 -15.94
CA VAL C 108 0.05 7.77 -15.72
C VAL C 108 0.15 6.67 -16.78
N GLY C 109 1.26 6.67 -17.50
CA GLY C 109 1.47 5.65 -18.52
C GLY C 109 0.76 5.86 -19.84
N ALA C 110 0.18 7.04 -20.05
CA ALA C 110 -0.49 7.31 -21.32
C ALA C 110 0.59 7.15 -22.38
N GLY C 111 0.29 6.37 -23.41
CA GLY C 111 1.28 6.15 -24.45
C GLY C 111 1.90 4.78 -24.35
N ALA C 112 1.94 4.20 -23.15
CA ALA C 112 2.52 2.88 -22.97
C ALA C 112 1.63 1.82 -23.63
N THR C 113 0.31 1.98 -23.47
CA THR C 113 -0.64 1.07 -24.09
C THR C 113 -1.77 1.93 -24.67
N PRO C 114 -2.44 1.43 -25.72
CA PRO C 114 -3.55 2.15 -26.36
C PRO C 114 -4.69 2.41 -25.36
N PHE C 115 -4.93 1.45 -24.48
CA PHE C 115 -5.99 1.55 -23.47
C PHE C 115 -5.81 2.75 -22.54
N ARG C 116 -4.58 3.00 -22.11
CA ARG C 116 -4.33 4.14 -21.22
C ARG C 116 -4.47 5.44 -21.97
N THR C 117 -3.94 5.47 -23.19
CA THR C 117 -4.01 6.66 -24.01
C THR C 117 -5.47 7.01 -24.28
N GLU C 118 -6.26 6.02 -24.66
CA GLU C 118 -7.67 6.28 -24.94
C GLU C 118 -8.49 6.60 -23.71
N SER C 119 -8.16 5.98 -22.57
CA SER C 119 -8.89 6.25 -21.34
C SER C 119 -8.63 7.70 -20.91
N ALA C 120 -7.39 8.16 -21.10
CA ALA C 120 -7.02 9.54 -20.74
C ALA C 120 -7.82 10.52 -21.60
N ARG C 121 -7.93 10.23 -22.90
CA ARG C 121 -8.67 11.09 -23.81
C ARG C 121 -10.18 11.00 -23.52
N ASP C 122 -10.65 9.83 -23.10
CA ASP C 122 -12.08 9.67 -22.77
C ASP C 122 -12.42 10.63 -21.63
N ILE C 123 -11.57 10.66 -20.61
CA ILE C 123 -11.79 11.54 -19.48
C ILE C 123 -11.78 13.00 -19.89
N ILE C 124 -10.80 13.37 -20.72
CA ILE C 124 -10.69 14.74 -21.19
C ILE C 124 -11.93 15.12 -22.01
N ARG C 125 -12.39 14.19 -22.83
CA ARG C 125 -13.58 14.43 -23.64
C ARG C 125 -14.85 14.56 -22.82
N GLU C 126 -14.96 13.79 -21.74
CA GLU C 126 -16.16 13.81 -20.90
C GLU C 126 -16.11 14.66 -19.64
N VAL C 127 -14.95 15.19 -19.29
CA VAL C 127 -14.83 15.98 -18.07
C VAL C 127 -14.03 17.25 -18.26
N ARG C 128 -14.51 18.35 -17.69
CA ARG C 128 -13.81 19.64 -17.77
C ARG C 128 -12.72 19.57 -16.70
N LEU C 129 -11.47 19.69 -17.13
CA LEU C 129 -10.33 19.61 -16.22
C LEU C 129 -9.65 20.94 -15.92
N ALA C 130 -9.35 21.18 -14.65
CA ALA C 130 -8.69 22.39 -14.21
C ALA C 130 -7.20 22.28 -14.55
N ALA C 131 -6.68 21.06 -14.55
CA ALA C 131 -5.27 20.83 -14.87
C ALA C 131 -4.94 19.36 -15.12
N ILE C 132 -3.84 19.14 -15.83
CA ILE C 132 -3.32 17.79 -16.11
C ILE C 132 -1.85 17.82 -15.73
N ARG C 133 -1.41 16.83 -14.94
CA ARG C 133 -0.03 16.75 -14.47
C ARG C 133 0.59 15.42 -14.93
N GLY C 134 1.75 15.48 -15.58
CA GLY C 134 2.42 14.26 -16.02
C GLY C 134 3.79 14.55 -16.59
N ASN C 135 4.52 13.52 -17.03
CA ASN C 135 5.83 13.76 -17.63
C ASN C 135 5.58 14.15 -19.10
N ALA C 136 6.60 14.66 -19.77
CA ALA C 136 6.45 15.11 -21.15
C ALA C 136 5.87 14.06 -22.11
N ALA C 137 6.35 12.82 -22.00
CA ALA C 137 5.87 11.74 -22.86
C ALA C 137 4.38 11.50 -22.70
N GLU C 138 3.92 11.41 -21.45
CA GLU C 138 2.50 11.18 -21.19
C GLU C 138 1.62 12.31 -21.72
N ILE C 139 2.08 13.55 -21.59
CA ILE C 139 1.31 14.68 -22.08
C ILE C 139 1.23 14.66 -23.61
N ALA C 140 2.36 14.41 -24.25
CA ALA C 140 2.41 14.37 -25.71
C ALA C 140 1.47 13.32 -26.29
N HIS C 141 1.45 12.13 -25.69
CA HIS C 141 0.58 11.05 -26.17
C HIS C 141 -0.88 11.38 -25.91
N THR C 142 -1.16 11.94 -24.75
CA THR C 142 -2.52 12.28 -24.38
C THR C 142 -3.13 13.33 -25.30
N VAL C 143 -2.37 14.36 -25.65
CA VAL C 143 -2.88 15.42 -26.51
C VAL C 143 -2.86 15.06 -27.98
N GLY C 144 -2.14 14.00 -28.33
CA GLY C 144 -2.11 13.57 -29.72
C GLY C 144 -0.90 13.96 -30.54
N VAL C 145 0.18 14.38 -29.88
CA VAL C 145 1.38 14.74 -30.64
C VAL C 145 1.60 13.58 -31.60
N THR C 146 1.92 13.90 -32.85
CA THR C 146 2.12 12.87 -33.85
C THR C 146 3.26 11.91 -33.53
N ASP C 147 2.97 10.62 -33.65
CA ASP C 147 3.90 9.53 -33.39
C ASP C 147 5.39 9.87 -33.51
N TRP C 148 5.85 10.06 -34.74
CA TRP C 148 7.26 10.33 -35.02
C TRP C 148 7.91 11.51 -34.29
N LEU C 149 7.12 12.48 -33.84
CA LEU C 149 7.68 13.63 -33.13
C LEU C 149 7.90 13.37 -31.64
N ILE C 150 7.17 12.40 -31.09
CA ILE C 150 7.26 12.08 -29.67
C ILE C 150 8.69 11.91 -29.19
N LYS C 151 9.54 11.36 -30.06
CA LYS C 151 10.93 11.15 -29.73
C LYS C 151 11.56 12.47 -29.26
N GLY C 152 11.08 13.57 -29.82
CA GLY C 152 11.60 14.89 -29.45
C GLY C 152 11.48 15.21 -27.97
N VAL C 153 10.81 14.33 -27.23
CA VAL C 153 10.63 14.49 -25.80
C VAL C 153 11.70 13.75 -25.01
N ASP C 154 12.25 12.70 -25.63
CA ASP C 154 13.27 11.86 -25.01
C ASP C 154 14.46 12.62 -24.43
N ALA C 155 15.35 11.87 -23.77
CA ALA C 155 16.55 12.45 -23.15
C ALA C 155 16.20 13.56 -22.16
N GLY C 156 17.08 14.54 -22.05
CA GLY C 156 16.84 15.64 -21.14
C GLY C 156 17.38 16.95 -21.68
N GLU C 157 16.62 17.57 -22.57
CA GLU C 157 17.00 18.84 -23.18
C GLU C 157 15.86 19.84 -23.09
N GLY C 158 16.19 21.11 -22.86
CA GLY C 158 15.17 22.13 -22.75
C GLY C 158 15.59 23.48 -23.33
N GLY C 159 14.73 24.48 -23.15
CA GLY C 159 15.01 25.81 -23.65
C GLY C 159 13.97 26.28 -24.64
N GLY C 160 12.91 25.50 -24.81
CA GLY C 160 11.86 25.87 -25.75
C GLY C 160 10.93 24.74 -26.16
N ASP C 161 11.49 23.64 -26.65
CA ASP C 161 10.67 22.51 -27.08
C ASP C 161 9.63 22.10 -26.05
N ILE C 162 10.04 21.68 -24.86
CA ILE C 162 9.10 21.29 -23.82
C ILE C 162 8.19 22.46 -23.41
N ILE C 163 8.76 23.66 -23.38
CA ILE C 163 7.99 24.84 -23.02
C ILE C 163 6.88 25.07 -24.05
N ARG C 164 7.21 24.92 -25.33
CA ARG C 164 6.21 25.09 -26.37
C ARG C 164 5.17 23.97 -26.33
N LEU C 165 5.60 22.77 -25.95
CA LEU C 165 4.68 21.63 -25.86
C LEU C 165 3.61 21.94 -24.83
N ALA C 166 4.05 22.44 -23.68
CA ALA C 166 3.14 22.78 -22.59
C ALA C 166 2.10 23.82 -23.01
N GLN C 167 2.57 24.92 -23.60
CA GLN C 167 1.64 25.97 -24.01
C GLN C 167 0.71 25.52 -25.14
N GLN C 168 1.24 24.75 -26.09
CA GLN C 168 0.42 24.27 -27.19
C GLN C 168 -0.63 23.27 -26.72
N ALA C 169 -0.26 22.44 -25.74
CA ALA C 169 -1.21 21.46 -25.20
C ALA C 169 -2.29 22.19 -24.40
N ALA C 170 -1.90 23.25 -23.71
CA ALA C 170 -2.83 24.04 -22.90
C ALA C 170 -3.83 24.74 -23.81
N GLN C 171 -3.32 25.29 -24.90
CA GLN C 171 -4.14 25.99 -25.87
C GLN C 171 -5.14 25.05 -26.53
N LYS C 172 -4.68 23.85 -26.87
CA LYS C 172 -5.53 22.86 -27.51
C LYS C 172 -6.64 22.34 -26.60
N LEU C 173 -6.30 22.04 -25.35
CA LEU C 173 -7.28 21.50 -24.41
C LEU C 173 -7.96 22.54 -23.52
N ASN C 174 -7.44 23.77 -23.53
CA ASN C 174 -8.01 24.83 -22.70
C ASN C 174 -8.03 24.46 -21.21
N THR C 175 -6.84 24.16 -20.70
CA THR C 175 -6.67 23.78 -19.30
C THR C 175 -5.24 24.14 -18.92
N VAL C 176 -4.84 23.81 -17.71
CA VAL C 176 -3.49 24.06 -17.27
C VAL C 176 -2.71 22.77 -17.50
N ILE C 177 -1.52 22.90 -18.09
CA ILE C 177 -0.67 21.74 -18.37
C ILE C 177 0.60 21.85 -17.54
N ALA C 178 0.83 20.88 -16.66
CA ALA C 178 2.01 20.85 -15.81
C ALA C 178 2.87 19.63 -16.14
N ILE C 179 4.02 19.88 -16.76
CA ILE C 179 4.93 18.82 -17.14
C ILE C 179 6.10 18.80 -16.17
N THR C 180 6.24 17.72 -15.40
CA THR C 180 7.33 17.60 -14.44
C THR C 180 8.47 16.76 -15.02
N GLY C 181 9.70 17.15 -14.70
CA GLY C 181 10.88 16.45 -15.18
C GLY C 181 12.11 17.13 -14.60
N GLU C 182 13.25 17.05 -15.27
CA GLU C 182 14.47 17.70 -14.78
C GLU C 182 14.09 19.13 -14.39
N VAL C 183 13.38 19.80 -15.29
CA VAL C 183 12.87 21.14 -15.03
C VAL C 183 11.37 21.04 -15.27
N ASP C 184 10.57 21.62 -14.38
CA ASP C 184 9.13 21.55 -14.53
C ASP C 184 8.59 22.75 -15.30
N VAL C 185 7.62 22.48 -16.17
CA VAL C 185 7.00 23.51 -17.00
C VAL C 185 5.49 23.53 -16.78
N ILE C 186 4.95 24.70 -16.43
CA ILE C 186 3.51 24.83 -16.21
C ILE C 186 2.96 25.95 -17.08
N ALA C 187 1.87 25.69 -17.79
CA ALA C 187 1.28 26.70 -18.65
C ALA C 187 -0.23 26.60 -18.79
N ASP C 188 -0.86 27.72 -19.12
CA ASP C 188 -2.27 27.76 -19.40
C ASP C 188 -2.30 28.36 -20.80
N THR C 189 -3.46 28.74 -21.30
CA THR C 189 -3.52 29.26 -22.66
C THR C 189 -2.63 30.46 -23.02
N SER C 190 -2.30 31.31 -22.06
CA SER C 190 -1.47 32.47 -22.40
C SER C 190 -0.28 32.80 -21.51
N HIS C 191 0.02 31.94 -20.52
CA HIS C 191 1.14 32.19 -19.62
C HIS C 191 1.98 30.91 -19.41
N VAL C 192 3.29 31.07 -19.23
CA VAL C 192 4.16 29.92 -19.01
C VAL C 192 5.21 30.21 -17.94
N TYR C 193 5.49 29.21 -17.11
CA TYR C 193 6.47 29.31 -16.03
C TYR C 193 7.33 28.04 -15.97
N THR C 194 8.56 28.18 -15.47
CA THR C 194 9.44 27.02 -15.28
C THR C 194 9.74 27.05 -13.78
N LEU C 195 9.76 25.87 -13.16
CA LEU C 195 10.00 25.73 -11.72
C LEU C 195 11.25 24.92 -11.50
N HIS C 196 12.07 25.31 -10.53
CA HIS C 196 13.34 24.64 -10.30
C HIS C 196 13.63 24.13 -8.91
N ASN C 197 12.73 23.34 -8.36
CA ASN C 197 12.93 22.78 -7.03
C ASN C 197 12.78 21.27 -7.08
N GLY C 198 13.05 20.60 -5.97
CA GLY C 198 12.95 19.14 -5.94
C GLY C 198 14.28 18.43 -5.81
N HIS C 199 14.26 17.11 -5.96
CA HIS C 199 15.49 16.32 -5.85
C HIS C 199 15.33 15.01 -6.61
N LYS C 200 16.40 14.57 -7.26
CA LYS C 200 16.36 13.33 -8.04
C LYS C 200 15.87 12.11 -7.25
N LEU C 201 15.99 12.16 -5.93
CA LEU C 201 15.52 11.02 -5.12
C LEU C 201 14.03 10.75 -5.32
N LEU C 202 13.29 11.77 -5.71
CA LEU C 202 11.86 11.59 -5.95
C LEU C 202 11.61 10.51 -7.02
N THR C 203 12.58 10.28 -7.89
CA THR C 203 12.41 9.27 -8.95
C THR C 203 12.60 7.86 -8.38
N LYS C 204 12.94 7.77 -7.10
CA LYS C 204 13.15 6.48 -6.46
C LYS C 204 12.05 6.12 -5.44
N VAL C 205 10.99 6.91 -5.40
CA VAL C 205 9.87 6.63 -4.50
C VAL C 205 8.62 6.51 -5.35
N THR C 206 7.95 5.37 -5.28
CA THR C 206 6.75 5.19 -6.08
C THR C 206 5.63 6.13 -5.61
N GLY C 207 4.92 6.72 -6.56
CA GLY C 207 3.86 7.63 -6.19
C GLY C 207 4.32 9.05 -5.89
N ALA C 208 5.62 9.30 -5.98
CA ALA C 208 6.14 10.66 -5.75
C ALA C 208 5.37 11.62 -6.66
N GLY C 209 5.17 11.21 -7.89
CA GLY C 209 4.43 12.03 -8.83
C GLY C 209 2.93 11.97 -8.58
N CYS C 210 2.41 10.78 -8.29
CA CYS C 210 0.98 10.62 -8.03
C CYS C 210 0.57 11.47 -6.84
N LEU C 211 1.40 11.46 -5.80
CA LEU C 211 1.09 12.27 -4.62
C LEU C 211 1.15 13.74 -5.00
N LEU C 212 2.14 14.11 -5.82
CA LEU C 212 2.26 15.50 -6.23
C LEU C 212 0.98 15.98 -6.88
N THR C 213 0.40 15.18 -7.77
CA THR C 213 -0.84 15.58 -8.44
C THR C 213 -1.95 15.78 -7.40
N SER C 214 -1.96 14.96 -6.35
CA SER C 214 -2.98 15.12 -5.32
C SER C 214 -2.75 16.41 -4.53
N VAL C 215 -1.48 16.78 -4.36
CA VAL C 215 -1.15 18.02 -3.66
C VAL C 215 -1.60 19.20 -4.52
N VAL C 216 -1.49 19.08 -5.85
CA VAL C 216 -1.95 20.15 -6.74
C VAL C 216 -3.46 20.33 -6.51
N GLY C 217 -4.15 19.21 -6.29
CA GLY C 217 -5.58 19.25 -6.04
C GLY C 217 -5.89 20.03 -4.77
N ALA C 218 -5.16 19.71 -3.70
CA ALA C 218 -5.34 20.41 -2.42
C ALA C 218 -5.18 21.91 -2.58
N PHE C 219 -4.17 22.35 -3.34
CA PHE C 219 -3.96 23.77 -3.56
C PHE C 219 -5.06 24.36 -4.45
N CYS C 220 -5.53 23.58 -5.42
CA CYS C 220 -6.61 24.03 -6.31
C CYS C 220 -7.90 24.24 -5.52
N ALA C 221 -7.97 23.61 -4.35
CA ALA C 221 -9.15 23.73 -3.51
C ALA C 221 -9.19 25.07 -2.80
N VAL C 222 -8.02 25.69 -2.59
CA VAL C 222 -7.96 26.99 -1.91
C VAL C 222 -7.54 28.19 -2.76
N GLU C 223 -7.17 27.95 -4.03
CA GLU C 223 -6.75 29.01 -4.95
C GLU C 223 -7.58 28.86 -6.22
N GLU C 224 -8.31 29.91 -6.60
CA GLU C 224 -9.17 29.85 -7.77
C GLU C 224 -8.47 29.67 -9.12
N ASN C 225 -7.27 30.23 -9.27
CA ASN C 225 -6.54 30.10 -10.54
C ASN C 225 -5.69 28.83 -10.51
N PRO C 226 -6.10 27.79 -11.25
CA PRO C 226 -5.35 26.53 -11.29
C PRO C 226 -3.86 26.66 -11.66
N LEU C 227 -3.51 27.67 -12.44
CA LEU C 227 -2.11 27.85 -12.80
C LEU C 227 -1.30 28.22 -11.55
N PHE C 228 -1.78 29.22 -10.82
CA PHE C 228 -1.12 29.68 -9.59
C PHE C 228 -1.17 28.57 -8.55
N ALA C 229 -2.30 27.90 -8.48
CA ALA C 229 -2.48 26.80 -7.54
C ALA C 229 -1.42 25.73 -7.77
N ALA C 230 -1.23 25.35 -9.04
CA ALA C 230 -0.29 24.31 -9.42
C ALA C 230 1.15 24.75 -9.18
N ILE C 231 1.44 26.01 -9.47
CA ILE C 231 2.78 26.53 -9.26
C ILE C 231 3.11 26.47 -7.77
N ALA C 232 2.16 26.89 -6.93
CA ALA C 232 2.40 26.87 -5.49
C ALA C 232 2.55 25.45 -4.97
N ALA C 233 1.71 24.54 -5.47
CA ALA C 233 1.76 23.14 -5.03
C ALA C 233 3.11 22.50 -5.34
N ILE C 234 3.50 22.57 -6.61
CA ILE C 234 4.75 22.00 -7.06
C ILE C 234 5.96 22.62 -6.35
N SER C 235 5.94 23.94 -6.17
CA SER C 235 7.05 24.60 -5.50
C SER C 235 7.15 24.11 -4.05
N SER C 236 6.03 24.14 -3.33
CA SER C 236 6.00 23.69 -1.93
C SER C 236 6.49 22.25 -1.78
N TYR C 237 6.01 21.39 -2.67
CA TYR C 237 6.37 19.96 -2.65
C TYR C 237 7.88 19.85 -2.88
N GLY C 238 8.36 20.61 -3.86
CA GLY C 238 9.78 20.59 -4.20
C GLY C 238 10.66 21.02 -3.05
N VAL C 239 10.28 22.09 -2.37
CA VAL C 239 11.07 22.58 -1.24
C VAL C 239 11.09 21.51 -0.15
N ALA C 240 9.90 20.95 0.13
CA ALA C 240 9.77 19.90 1.12
C ALA C 240 10.69 18.73 0.76
N ALA C 241 10.79 18.44 -0.54
CA ALA C 241 11.64 17.34 -1.00
C ALA C 241 13.13 17.67 -0.81
N GLN C 242 13.53 18.90 -1.13
CA GLN C 242 14.93 19.30 -0.98
C GLN C 242 15.31 19.20 0.50
N LEU C 243 14.43 19.70 1.37
CA LEU C 243 14.68 19.64 2.81
C LEU C 243 14.79 18.20 3.28
N ALA C 244 13.99 17.31 2.68
CA ALA C 244 14.01 15.89 3.04
C ALA C 244 15.31 15.22 2.59
N ALA C 245 15.76 15.55 1.39
CA ALA C 245 16.98 14.97 0.87
C ALA C 245 18.20 15.37 1.69
N GLN C 246 18.22 16.60 2.19
CA GLN C 246 19.36 17.06 3.00
C GLN C 246 19.57 16.12 4.18
N GLN C 247 18.48 15.58 4.70
CA GLN C 247 18.55 14.69 5.85
C GLN C 247 18.69 13.21 5.54
N THR C 248 18.53 12.82 4.28
CA THR C 248 18.59 11.40 3.95
C THR C 248 19.27 11.03 2.62
N ALA C 249 19.80 12.01 1.91
CA ALA C 249 20.45 11.75 0.63
C ALA C 249 21.44 10.58 0.72
N ASP C 250 22.16 10.52 1.84
CA ASP C 250 23.16 9.47 2.03
C ASP C 250 22.61 8.15 2.56
N LYS C 251 21.42 8.19 3.16
CA LYS C 251 20.82 6.98 3.72
C LYS C 251 20.18 6.10 2.63
N GLY C 252 19.32 6.69 1.81
CA GLY C 252 18.68 5.93 0.75
C GLY C 252 17.23 6.33 0.50
N PRO C 253 16.61 5.78 -0.55
CA PRO C 253 15.22 6.08 -0.91
C PRO C 253 14.19 5.70 0.15
N GLY C 254 14.54 4.76 1.03
CA GLY C 254 13.61 4.36 2.08
C GLY C 254 13.48 5.48 3.10
N SER C 255 14.62 5.96 3.61
CA SER C 255 14.63 7.04 4.59
C SER C 255 14.04 8.30 3.98
N PHE C 256 14.40 8.58 2.73
CA PHE C 256 13.89 9.76 2.05
C PHE C 256 12.35 9.75 1.99
N GLN C 257 11.76 8.62 1.61
CA GLN C 257 10.31 8.52 1.55
C GLN C 257 9.68 8.96 2.87
N ILE C 258 10.20 8.41 3.96
CA ILE C 258 9.71 8.72 5.29
C ILE C 258 9.92 10.20 5.61
N GLU C 259 11.10 10.72 5.30
CA GLU C 259 11.41 12.13 5.57
C GLU C 259 10.58 13.08 4.73
N LEU C 260 10.19 12.68 3.52
CA LEU C 260 9.34 13.53 2.68
C LEU C 260 8.02 13.71 3.39
N LEU C 261 7.52 12.63 3.98
CA LEU C 261 6.26 12.68 4.72
C LEU C 261 6.43 13.66 5.89
N ASN C 262 7.55 13.57 6.61
CA ASN C 262 7.79 14.47 7.73
C ASN C 262 7.85 15.93 7.27
N LYS C 263 8.63 16.20 6.23
CA LYS C 263 8.78 17.57 5.74
C LYS C 263 7.49 18.21 5.20
N LEU C 264 6.62 17.40 4.61
CA LEU C 264 5.36 17.95 4.11
C LEU C 264 4.56 18.52 5.26
N SER C 265 4.85 18.05 6.47
CA SER C 265 4.13 18.55 7.65
C SER C 265 4.90 19.67 8.35
N THR C 266 6.22 19.68 8.20
CA THR C 266 7.02 20.71 8.87
C THR C 266 7.45 21.89 7.99
N VAL C 267 7.39 21.74 6.67
CA VAL C 267 7.80 22.84 5.81
C VAL C 267 6.98 24.07 6.16
N THR C 268 7.64 25.23 6.23
CA THR C 268 6.95 26.46 6.59
C THR C 268 6.81 27.44 5.44
N GLU C 269 6.01 28.47 5.69
CA GLU C 269 5.78 29.53 4.71
C GLU C 269 7.13 30.18 4.44
N GLN C 270 7.93 30.31 5.48
CA GLN C 270 9.26 30.91 5.40
C GLN C 270 10.18 30.08 4.49
N ASP C 271 10.08 28.77 4.59
CA ASP C 271 10.90 27.88 3.77
C ASP C 271 10.61 28.09 2.29
N VAL C 272 9.32 28.11 1.94
CA VAL C 272 8.89 28.31 0.56
C VAL C 272 9.34 29.68 0.05
N GLN C 273 9.10 30.73 0.84
CA GLN C 273 9.50 32.09 0.48
C GLN C 273 11.00 32.16 0.18
N GLU C 274 11.79 31.47 1.00
CA GLU C 274 13.24 31.48 0.85
C GLU C 274 13.80 30.60 -0.26
N TRP C 275 13.27 29.40 -0.42
CA TRP C 275 13.80 28.48 -1.41
C TRP C 275 13.05 28.29 -2.73
N ALA C 276 11.76 28.58 -2.76
CA ALA C 276 11.01 28.40 -4.00
C ALA C 276 11.66 29.16 -5.16
N THR C 277 11.80 28.49 -6.30
CA THR C 277 12.39 29.12 -7.48
C THR C 277 11.41 29.05 -8.64
N ILE C 278 10.74 30.16 -8.88
CA ILE C 278 9.73 30.28 -9.91
C ILE C 278 10.12 31.35 -10.93
N GLU C 279 10.14 30.96 -12.20
CA GLU C 279 10.52 31.89 -13.27
C GLU C 279 9.46 32.01 -14.37
N ARG C 280 8.99 33.23 -14.60
CA ARG C 280 8.00 33.50 -15.64
C ARG C 280 8.74 33.38 -16.99
N VAL C 281 8.08 32.79 -17.97
CA VAL C 281 8.70 32.65 -19.29
C VAL C 281 8.12 33.70 -20.22
N THR C 282 8.99 34.50 -20.84
CA THR C 282 8.52 35.53 -21.75
C THR C 282 7.85 34.87 -22.94
N VAL C 283 6.56 35.14 -23.11
CA VAL C 283 5.79 34.55 -24.21
C VAL C 283 5.40 35.61 -25.22
N SER C 284 5.69 35.35 -26.49
CA SER C 284 5.37 36.29 -27.56
C SER C 284 5.71 35.69 -28.93
CL CL D . -7.16 -2.85 -5.15
C1 TZE E . 1.45 1.76 -12.22
N1 TZE E . 2.82 1.60 -12.27
C2 TZE E . 3.57 2.55 -11.42
C3 TZE E . 2.69 3.36 -10.76
S1 TZE E . 1.01 3.06 -11.11
CM TZE E . 5.10 2.68 -11.49
C1' TZE E . 2.90 4.41 -9.69
C2' TZE E . 3.38 5.78 -10.25
OXT TZE E . 4.48 6.16 -9.40
C1 TZE F . -2.70 -12.11 1.15
N1 TZE F . -2.28 -12.21 2.46
C2 TZE F . -0.85 -11.87 2.66
C3 TZE F . -0.30 -11.51 1.47
S1 TZE F . -1.38 -11.58 0.10
CM TZE F . -0.15 -12.10 4.01
C1' TZE F . 1.08 -10.97 1.12
C2' TZE F . 2.22 -12.02 1.17
OXT TZE F . 3.16 -11.51 2.12
C1 TZE G . -10.72 5.14 2.76
N1 TZE G . -9.93 6.25 2.53
C2 TZE G . -9.00 6.57 3.63
C3 TZE G . -9.12 5.62 4.61
S1 TZE G . -10.33 4.39 4.31
CM TZE G . -8.18 7.87 3.66
C1' TZE G . -8.34 5.38 5.89
C2' TZE G . -8.96 6.05 7.15
OXT TZE G . -7.86 6.42 7.98
#